data_4B83
#
_entry.id   4B83
#
_cell.length_a   79.583
_cell.length_b   111.856
_cell.length_c   227.783
_cell.angle_alpha   90.00
_cell.angle_beta   90.00
_cell.angle_gamma   90.00
#
_symmetry.space_group_name_H-M   'P 21 21 21'
#
loop_
_entity.id
_entity.type
_entity.pdbx_description
1 polymer ACETYLCHOLINESTERASE
2 non-polymer N-[2-(diethylamino)ethyl]-3-methoxy-benzenesulfonamide
3 non-polymer 1,2-ETHANEDIOL
4 non-polymer 2-acetamido-2-deoxy-beta-D-glucopyranose
5 non-polymer DI(HYDROXYETHYL)ETHER
6 non-polymer 'SULFATE ION'
7 non-polymer 3,6,9,12,15,18,21-HEPTAOXATRICOSANE-1,23-DIOL
8 non-polymer 'TETRAETHYLENE GLYCOL'
9 water water
#
_entity_poly.entity_id   1
_entity_poly.type   'polypeptide(L)'
_entity_poly.pdbx_seq_one_letter_code
;EGREDPQLLVRVRGGQLRGIRLKAPGGPVSAFLGIPFAEPPVGSRRFMPPEPKRPWSGVLDATTFQNVCYQYVDTLYPGF
EGTEMWNPNRELSEDCLYLNVWTPYPRPASPTPVLIWIYGGGFYSGAASLDVYDGRFLAQVEGAVLVSMNYRVGTFGFLA
LPGSREAPGNVGLLDQRLALQWVQENIAAFGGDPMSVTLFGESAGAASVGMHILSLPSRSLFHRAVLQSGTPNGPWATVS
AGEARRRATLLARLVGCPPGGAGGNDTELIACLRTRPAQDLVDHEWHVLPQESIFRFSFVPVVDGDFLSDTPEALINTGD
FQDLQVLVGVVKDEGSYFLVYGVPGFSKDNESLISRAQFLAGVRIGVPQASDLAAEAVVLHYTDWLHPEDPTHLRDAMSA
VVGDHNVVCPVAQLAGRLAAQGARVYAYIFEHRASTLTWPLWMGVPHGYEIEFIFGLPLDPSLNYTTEERIFAQRLMKYW
TNFARTGDPNDPRDSKSPQWPPYTTAAQQYVSLNLKPLEVRRGLRAQTCAFWNRFLPKLLSATATEAP
;
_entity_poly.pdbx_strand_id   A,B
#
loop_
_chem_comp.id
_chem_comp.type
_chem_comp.name
_chem_comp.formula
B3V non-polymer N-[2-(diethylamino)ethyl]-3-methoxy-benzenesulfonamide 'C13 H22 N2 O3 S'
EDO non-polymer 1,2-ETHANEDIOL 'C2 H6 O2'
NAG D-saccharide, beta linking 2-acetamido-2-deoxy-beta-D-glucopyranose 'C8 H15 N O6'
PE8 non-polymer 3,6,9,12,15,18,21-HEPTAOXATRICOSANE-1,23-DIOL 'C16 H34 O9'
PEG non-polymer DI(HYDROXYETHYL)ETHER 'C4 H10 O3'
PG4 non-polymer 'TETRAETHYLENE GLYCOL' 'C8 H18 O5'
SO4 non-polymer 'SULFATE ION' 'O4 S -2'
#
# COMPACT_ATOMS: atom_id res chain seq x y z
N GLU A 1 1.03 65.38 24.11
CA GLU A 1 1.26 64.44 25.19
C GLU A 1 1.21 65.17 26.52
N GLY A 2 1.71 64.53 27.58
CA GLY A 2 1.83 65.17 28.87
C GLY A 2 1.60 64.25 30.03
N ARG A 3 0.37 63.75 30.16
CA ARG A 3 -0.02 62.96 31.31
C ARG A 3 -0.33 61.51 30.95
N GLU A 4 0.30 60.99 29.91
CA GLU A 4 0.09 59.60 29.51
C GLU A 4 1.35 58.77 29.72
N ASP A 5 1.23 57.45 29.57
CA ASP A 5 2.35 56.55 29.78
C ASP A 5 3.40 56.77 28.70
N PRO A 6 4.57 57.27 29.11
CA PRO A 6 5.68 57.60 28.19
C PRO A 6 6.26 56.37 27.50
N GLN A 7 5.93 55.19 28.01
CA GLN A 7 6.43 53.95 27.40
C GLN A 7 5.54 53.52 26.22
N LEU A 8 4.39 54.16 26.05
CA LEU A 8 3.41 53.74 25.06
C LEU A 8 3.38 54.62 23.81
N LEU A 9 4.37 55.50 23.69
CA LEU A 9 4.40 56.43 22.56
C LEU A 9 5.59 56.12 21.67
N VAL A 10 5.30 55.92 20.38
CA VAL A 10 6.30 55.49 19.41
C VAL A 10 6.04 56.18 18.07
N ARG A 11 7.08 56.44 17.29
CA ARG A 11 6.90 56.95 15.94
C ARG A 11 7.34 55.89 14.92
N VAL A 12 6.53 55.73 13.88
CA VAL A 12 6.89 54.89 12.73
C VAL A 12 6.87 55.78 11.49
N ARG A 13 7.26 55.21 10.34
CA ARG A 13 7.34 55.96 9.09
C ARG A 13 6.11 56.82 8.78
N GLY A 14 4.92 56.32 9.08
CA GLY A 14 3.72 57.05 8.76
C GLY A 14 3.27 58.02 9.83
N GLY A 15 3.94 58.03 10.98
CA GLY A 15 3.58 58.95 12.04
C GLY A 15 3.63 58.38 13.44
N GLN A 16 3.06 59.14 14.39
CA GLN A 16 3.08 58.79 15.81
C GLN A 16 1.96 57.83 16.22
N LEU A 17 2.27 56.90 17.13
CA LEU A 17 1.30 55.93 17.64
C LEU A 17 1.22 55.99 19.15
N ARG A 18 0.03 55.77 19.69
CA ARG A 18 -0.13 55.54 21.13
C ARG A 18 -0.61 54.10 21.33
N GLY A 19 0.16 53.33 22.08
CA GLY A 19 -0.19 51.95 22.37
C GLY A 19 -0.88 51.78 23.72
N ILE A 20 -1.11 50.53 24.08
CA ILE A 20 -1.81 50.19 25.32
C ILE A 20 -0.99 49.22 26.17
N ARG A 21 -1.07 49.40 27.49
CA ARG A 21 -0.41 48.50 28.42
C ARG A 21 -1.36 47.36 28.76
N LEU A 22 -1.00 46.14 28.37
CA LEU A 22 -1.85 44.98 28.64
C LEU A 22 -1.35 44.13 29.80
N LYS A 23 -2.26 43.49 30.52
CA LYS A 23 -1.88 42.54 31.56
C LYS A 23 -1.74 41.13 30.98
N ALA A 24 -0.56 40.54 31.16
CA ALA A 24 -0.38 39.09 31.00
C ALA A 24 -0.20 38.54 32.41
N PRO A 25 -0.39 37.21 32.60
CA PRO A 25 -0.31 36.63 33.94
C PRO A 25 0.97 36.96 34.70
N GLY A 26 2.11 37.01 34.01
CA GLY A 26 3.38 37.23 34.67
C GLY A 26 3.85 38.68 34.71
N GLY A 27 3.04 39.61 34.21
CA GLY A 27 3.39 41.03 34.15
C GLY A 27 2.81 41.72 32.92
N PRO A 28 3.12 43.02 32.74
CA PRO A 28 2.55 43.78 31.61
C PRO A 28 3.28 43.60 30.27
N VAL A 29 2.58 43.85 29.16
CA VAL A 29 3.20 43.91 27.82
C VAL A 29 2.71 45.16 27.10
N SER A 30 3.49 45.63 26.14
CA SER A 30 3.06 46.74 25.27
C SER A 30 2.34 46.18 24.03
N ALA A 31 1.19 46.76 23.69
CA ALA A 31 0.51 46.37 22.46
C ALA A 31 0.21 47.58 21.58
N PHE A 32 0.44 47.42 20.28
CA PHE A 32 0.09 48.45 19.30
C PHE A 32 -0.80 47.82 18.24
N LEU A 33 -2.09 48.09 18.32
CA LEU A 33 -3.08 47.37 17.53
C LEU A 33 -3.75 48.29 16.51
N GLY A 34 -4.06 47.73 15.34
CA GLY A 34 -4.69 48.51 14.30
C GLY A 34 -3.80 49.57 13.66
N ILE A 35 -2.51 49.27 13.53
CA ILE A 35 -1.61 50.14 12.77
C ILE A 35 -1.82 49.93 11.27
N PRO A 36 -2.24 50.97 10.55
CA PRO A 36 -2.45 50.82 9.10
C PRO A 36 -1.11 50.67 8.36
N PHE A 37 -1.03 49.78 7.38
CA PHE A 37 0.22 49.61 6.62
C PHE A 37 0.02 49.80 5.12
N ALA A 38 -1.22 50.06 4.72
CA ALA A 38 -1.57 50.21 3.31
C ALA A 38 -2.72 51.20 3.18
N GLU A 39 -2.85 51.81 2.01
CA GLU A 39 -4.05 52.55 1.70
C GLU A 39 -5.23 51.57 1.66
N PRO A 40 -6.38 51.99 2.19
CA PRO A 40 -7.56 51.11 2.14
C PRO A 40 -7.85 50.65 0.72
N PRO A 41 -7.89 49.33 0.49
CA PRO A 41 -8.07 48.81 -0.86
C PRO A 41 -9.54 48.78 -1.23
N VAL A 42 -10.18 49.95 -1.21
CA VAL A 42 -11.62 50.04 -1.47
C VAL A 42 -11.89 50.74 -2.79
N GLY A 43 -13.13 50.62 -3.28
CA GLY A 43 -13.53 51.31 -4.50
C GLY A 43 -12.76 50.85 -5.73
N SER A 44 -12.15 51.80 -6.43
CA SER A 44 -11.40 51.50 -7.65
C SER A 44 -10.12 50.71 -7.35
N ARG A 45 -9.89 50.48 -6.07
CA ARG A 45 -8.69 49.77 -5.64
CA ARG A 45 -8.68 49.79 -5.62
C ARG A 45 -8.96 48.31 -5.29
N ARG A 46 -10.22 47.91 -5.32
CA ARG A 46 -10.57 46.51 -5.10
C ARG A 46 -9.89 45.66 -6.17
N PHE A 47 -9.36 44.51 -5.76
CA PHE A 47 -8.64 43.57 -6.64
C PHE A 47 -7.22 44.02 -6.99
N MET A 48 -6.84 45.22 -6.58
CA MET A 48 -5.55 45.80 -6.92
C MET A 48 -4.46 45.52 -5.89
N PRO A 49 -3.20 45.51 -6.33
CA PRO A 49 -2.06 45.42 -5.40
C PRO A 49 -2.13 46.54 -4.39
N PRO A 50 -1.72 46.29 -3.15
CA PRO A 50 -1.82 47.31 -2.11
C PRO A 50 -0.81 48.43 -2.35
N GLU A 51 -1.20 49.65 -1.99
CA GLU A 51 -0.29 50.79 -1.99
C GLU A 51 0.04 51.12 -0.52
N PRO A 52 1.30 51.48 -0.26
CA PRO A 52 1.76 51.83 1.09
C PRO A 52 0.94 52.96 1.72
N LYS A 53 0.62 52.83 3.02
CA LYS A 53 -0.22 53.80 3.71
C LYS A 53 0.48 55.17 3.68
N ARG A 54 -0.29 56.23 3.39
CA ARG A 54 0.27 57.57 3.39
C ARG A 54 0.28 58.10 4.81
N PRO A 55 1.36 58.80 5.21
CA PRO A 55 1.53 59.34 6.57
C PRO A 55 0.28 60.04 7.09
N TRP A 56 0.01 59.92 8.39
CA TRP A 56 -1.12 60.61 9.01
C TRP A 56 -0.62 61.77 9.88
N SER A 57 -1.54 62.62 10.32
CA SER A 57 -1.19 63.72 11.22
C SER A 57 -1.68 63.43 12.63
N GLY A 58 -0.92 63.87 13.63
CA GLY A 58 -1.31 63.65 15.01
C GLY A 58 -0.93 62.26 15.51
N VAL A 59 -1.38 61.93 16.71
CA VAL A 59 -1.07 60.62 17.31
C VAL A 59 -2.21 59.67 17.02
N LEU A 60 -1.93 58.65 16.20
CA LEU A 60 -2.90 57.61 15.90
C LEU A 60 -3.10 56.71 17.12
N ASP A 61 -4.34 56.57 17.57
CA ASP A 61 -4.65 55.64 18.66
C ASP A 61 -4.50 54.20 18.15
N ALA A 62 -3.62 53.44 18.80
CA ALA A 62 -3.38 52.04 18.44
C ALA A 62 -3.68 51.13 19.63
N THR A 63 -4.85 51.34 20.22
CA THR A 63 -5.24 50.62 21.43
C THR A 63 -6.32 49.54 21.19
N THR A 64 -6.84 49.44 19.96
CA THR A 64 -7.83 48.39 19.64
C THR A 64 -7.57 47.71 18.30
N PHE A 65 -8.01 46.46 18.18
CA PHE A 65 -7.95 45.76 16.90
C PHE A 65 -8.79 46.51 15.87
N GLN A 66 -8.35 46.51 14.62
CA GLN A 66 -9.11 47.12 13.54
C GLN A 66 -10.03 46.13 12.84
N ASN A 67 -10.72 46.60 11.80
CA ASN A 67 -11.64 45.78 11.02
C ASN A 67 -11.05 44.47 10.51
N VAL A 68 -11.91 43.46 10.42
CA VAL A 68 -11.57 42.18 9.81
C VAL A 68 -11.89 42.27 8.32
N CYS A 69 -11.03 41.66 7.50
CA CYS A 69 -11.25 41.72 6.06
C CYS A 69 -12.53 41.00 5.67
N TYR A 70 -13.23 41.59 4.71
CA TYR A 70 -14.53 41.08 4.31
C TYR A 70 -14.49 39.60 3.92
N GLN A 71 -15.35 38.79 4.55
CA GLN A 71 -15.27 37.34 4.42
C GLN A 71 -16.56 36.58 4.77
N TYR A 72 -16.64 35.35 4.26
CA TYR A 72 -17.70 34.42 4.62
C TYR A 72 -17.66 34.14 6.13
N VAL A 73 -18.84 34.07 6.75
CA VAL A 73 -18.93 33.75 8.18
C VAL A 73 -19.63 32.39 8.39
N ASP A 74 -19.00 31.51 9.16
CA ASP A 74 -19.46 30.12 9.35
C ASP A 74 -20.78 30.01 10.10
N THR A 75 -21.71 29.26 9.52
CA THR A 75 -23.05 29.10 10.06
C THR A 75 -23.43 27.63 10.33
N LEU A 76 -22.45 26.74 10.27
CA LEU A 76 -22.73 25.31 10.43
C LEU A 76 -23.21 24.94 11.82
N TYR A 77 -22.53 25.43 12.86
CA TYR A 77 -22.95 25.16 14.23
C TYR A 77 -23.09 26.45 15.04
N PRO A 78 -24.23 27.13 14.90
CA PRO A 78 -24.47 28.44 15.52
C PRO A 78 -24.51 28.44 17.05
N GLY A 79 -23.58 29.16 17.67
CA GLY A 79 -23.48 29.23 19.12
C GLY A 79 -22.39 28.35 19.67
N PHE A 80 -21.87 27.48 18.80
CA PHE A 80 -20.87 26.49 19.18
C PHE A 80 -19.47 27.11 19.23
N GLU A 81 -18.83 26.97 20.38
CA GLU A 81 -17.49 27.51 20.59
C GLU A 81 -16.46 26.99 19.58
N GLY A 82 -16.59 25.72 19.22
CA GLY A 82 -15.62 25.07 18.35
C GLY A 82 -15.48 25.78 17.03
N THR A 83 -16.61 26.29 16.50
CA THR A 83 -16.59 27.12 15.29
C THR A 83 -16.44 28.64 15.56
N GLU A 84 -17.06 29.15 16.62
CA GLU A 84 -17.08 30.59 16.84
C GLU A 84 -15.69 31.22 17.04
N MET A 85 -14.81 30.48 17.71
CA MET A 85 -13.44 30.95 17.97
C MET A 85 -12.68 31.32 16.69
N TRP A 86 -13.14 30.84 15.54
CA TRP A 86 -12.49 31.16 14.28
C TRP A 86 -13.19 32.29 13.51
N ASN A 87 -14.40 32.63 13.93
CA ASN A 87 -15.20 33.67 13.27
C ASN A 87 -14.70 35.08 13.58
N PRO A 88 -14.93 36.02 12.63
CA PRO A 88 -14.55 37.44 12.83
C PRO A 88 -15.02 37.99 14.16
N ASN A 89 -14.14 38.73 14.85
CA ASN A 89 -14.47 39.29 16.15
C ASN A 89 -14.39 40.81 16.13
N ARG A 90 -14.32 41.37 14.92
CA ARG A 90 -14.48 42.80 14.70
C ARG A 90 -15.31 42.95 13.45
N GLU A 91 -15.77 44.17 13.21
CA GLU A 91 -16.56 44.51 12.04
C GLU A 91 -15.88 44.11 10.73
N LEU A 92 -16.65 43.56 9.80
CA LEU A 92 -16.15 43.22 8.47
C LEU A 92 -16.10 44.48 7.61
N SER A 93 -15.02 44.63 6.84
CA SER A 93 -14.87 45.79 5.96
C SER A 93 -13.79 45.49 4.94
N GLU A 94 -13.86 46.13 3.78
CA GLU A 94 -12.78 46.03 2.81
C GLU A 94 -11.59 46.89 3.26
N ASP A 95 -11.87 47.82 4.17
CA ASP A 95 -10.83 48.64 4.81
C ASP A 95 -10.32 47.90 6.04
N CYS A 96 -9.30 47.08 5.85
CA CYS A 96 -8.91 46.10 6.85
C CYS A 96 -7.41 45.84 6.85
N LEU A 97 -6.66 46.63 6.10
CA LEU A 97 -5.22 46.40 6.01
C LEU A 97 -4.46 47.05 7.19
N TYR A 98 -4.50 46.36 8.33
CA TYR A 98 -3.87 46.84 9.56
C TYR A 98 -3.03 45.72 10.14
N LEU A 99 -2.03 46.07 10.95
CA LEU A 99 -1.23 45.06 11.65
C LEU A 99 -1.09 45.37 13.14
N ASN A 100 -0.62 44.37 13.88
CA ASN A 100 -0.53 44.44 15.33
C ASN A 100 0.86 44.08 15.82
N VAL A 101 1.29 44.70 16.91
CA VAL A 101 2.62 44.50 17.46
C VAL A 101 2.52 44.31 18.99
N TRP A 102 3.11 43.25 19.51
CA TRP A 102 3.25 43.07 20.96
C TRP A 102 4.72 43.05 21.28
N THR A 103 5.11 43.74 22.35
CA THR A 103 6.49 43.77 22.81
C THR A 103 6.45 43.76 24.33
N PRO A 104 7.58 43.38 24.96
CA PRO A 104 7.73 43.49 26.42
C PRO A 104 7.42 44.90 26.95
N TYR A 105 7.11 45.00 28.23
CA TYR A 105 6.95 46.29 28.89
C TYR A 105 7.89 46.33 30.07
N PRO A 106 8.81 47.29 30.07
CA PRO A 106 9.10 48.26 29.00
C PRO A 106 9.76 47.58 27.81
N ARG A 107 9.85 48.29 26.67
CA ARG A 107 10.41 47.71 25.44
C ARG A 107 11.85 47.28 25.64
N PRO A 108 12.30 46.26 24.90
CA PRO A 108 13.62 45.63 25.16
C PRO A 108 14.84 46.54 24.96
N ALA A 109 15.89 46.27 25.73
CA ALA A 109 17.14 47.02 25.65
C ALA A 109 17.86 46.81 24.31
N SER A 110 18.17 45.57 24.02
CA SER A 110 18.88 45.20 22.80
C SER A 110 17.90 44.71 21.72
N PRO A 111 18.31 44.73 20.44
CA PRO A 111 17.45 44.29 19.35
C PRO A 111 16.95 42.83 19.53
N THR A 112 15.65 42.63 19.39
CA THR A 112 15.04 41.36 19.75
C THR A 112 14.48 40.65 18.51
N PRO A 113 14.75 39.35 18.39
CA PRO A 113 14.18 38.51 17.32
C PRO A 113 12.67 38.74 17.17
N VAL A 114 12.22 38.84 15.93
CA VAL A 114 10.83 39.13 15.63
C VAL A 114 10.12 37.90 15.10
N LEU A 115 8.94 37.61 15.65
CA LEU A 115 8.05 36.59 15.10
C LEU A 115 6.91 37.27 14.36
N ILE A 116 6.63 36.82 13.14
CA ILE A 116 5.49 37.33 12.38
C ILE A 116 4.47 36.22 12.09
N TRP A 117 3.25 36.41 12.57
CA TRP A 117 2.20 35.42 12.40
C TRP A 117 1.34 35.69 11.18
N ILE A 118 1.11 34.65 10.38
CA ILE A 118 0.19 34.72 9.24
C ILE A 118 -0.96 33.74 9.46
N TYR A 119 -2.15 34.26 9.78
CA TYR A 119 -3.30 33.36 10.04
C TYR A 119 -3.69 32.53 8.82
N GLY A 120 -4.38 31.43 9.09
CA GLY A 120 -4.94 30.59 8.04
C GLY A 120 -6.42 30.82 7.95
N GLY A 121 -7.11 29.91 7.27
CA GLY A 121 -8.54 30.04 7.01
C GLY A 121 -8.85 29.87 5.53
N GLY A 122 -8.12 28.96 4.88
CA GLY A 122 -8.41 28.57 3.51
C GLY A 122 -8.32 29.68 2.46
N PHE A 123 -7.72 30.80 2.84
CA PHE A 123 -7.62 31.99 1.97
C PHE A 123 -8.98 32.65 1.73
N TYR A 124 -10.01 32.21 2.47
CA TYR A 124 -11.35 32.82 2.36
C TYR A 124 -11.77 33.46 3.68
N SER A 125 -10.98 33.27 4.73
CA SER A 125 -11.34 33.77 6.05
C SER A 125 -10.12 33.97 6.94
N GLY A 126 -10.34 34.45 8.17
CA GLY A 126 -9.28 34.63 9.14
C GLY A 126 -9.12 36.08 9.57
N ALA A 127 -8.38 36.28 10.66
CA ALA A 127 -8.17 37.62 11.23
C ALA A 127 -7.04 37.55 12.25
N ALA A 128 -6.23 38.61 12.32
CA ALA A 128 -5.13 38.58 13.25
C ALA A 128 -5.59 38.93 14.66
N SER A 129 -6.86 39.32 14.79
CA SER A 129 -7.39 39.79 16.06
C SER A 129 -7.98 38.70 16.95
N LEU A 130 -8.04 37.46 16.45
CA LEU A 130 -8.63 36.35 17.20
C LEU A 130 -7.92 36.03 18.51
N ASP A 131 -8.70 35.57 19.50
CA ASP A 131 -8.16 35.21 20.80
C ASP A 131 -7.00 34.20 20.76
N VAL A 132 -7.04 33.23 19.85
CA VAL A 132 -5.98 32.22 19.78
C VAL A 132 -4.67 32.73 19.18
N TYR A 133 -4.69 33.96 18.67
CA TYR A 133 -3.48 34.57 18.13
C TYR A 133 -2.93 35.68 19.03
N ASP A 134 -3.43 35.75 20.26
CA ASP A 134 -2.99 36.76 21.25
C ASP A 134 -1.48 36.68 21.52
N GLY A 135 -0.74 37.70 21.10
CA GLY A 135 0.71 37.69 21.22
C GLY A 135 1.27 38.05 22.58
N ARG A 136 0.42 38.27 23.57
CA ARG A 136 0.90 38.78 24.87
C ARG A 136 1.73 37.78 25.65
N PHE A 137 1.44 36.49 25.51
CA PHE A 137 2.14 35.46 26.29
C PHE A 137 3.56 35.25 25.80
N LEU A 138 3.71 35.11 24.48
CA LEU A 138 5.04 35.02 23.88
C LEU A 138 5.88 36.28 24.16
N ALA A 139 5.25 37.45 24.03
CA ALA A 139 5.92 38.70 24.37
C ALA A 139 6.39 38.73 25.82
N GLN A 140 5.53 38.29 26.75
CA GLN A 140 5.84 38.41 28.18
C GLN A 140 6.77 37.30 28.68
N VAL A 141 6.46 36.06 28.34
CA VAL A 141 7.24 34.95 28.90
C VAL A 141 8.57 34.78 28.17
N GLU A 142 8.57 34.95 26.85
CA GLU A 142 9.78 34.77 26.08
C GLU A 142 10.48 36.05 25.65
N GLY A 143 9.84 37.19 25.88
CA GLY A 143 10.44 38.48 25.52
C GLY A 143 10.51 38.74 24.04
N ALA A 144 9.63 38.10 23.27
CA ALA A 144 9.66 38.24 21.81
C ALA A 144 8.94 39.50 21.33
N VAL A 145 9.33 40.02 20.17
CA VAL A 145 8.48 40.97 19.46
C VAL A 145 7.60 40.17 18.47
N LEU A 146 6.28 40.27 18.65
CA LEU A 146 5.35 39.54 17.78
C LEU A 146 4.55 40.50 16.91
N VAL A 147 4.43 40.15 15.62
CA VAL A 147 3.68 40.95 14.66
C VAL A 147 2.69 40.07 13.92
N SER A 148 1.46 40.56 13.79
CA SER A 148 0.48 39.86 12.95
C SER A 148 -0.23 40.88 12.09
N MET A 149 -0.55 40.50 10.86
CA MET A 149 -1.22 41.40 9.92
C MET A 149 -2.51 40.81 9.37
N ASN A 150 -3.47 41.70 9.09
CA ASN A 150 -4.62 41.31 8.28
C ASN A 150 -4.19 41.32 6.81
N TYR A 151 -4.71 40.39 6.03
CA TYR A 151 -4.49 40.38 4.59
C TYR A 151 -5.81 40.04 3.90
N ARG A 152 -6.02 40.56 2.70
CA ARG A 152 -7.29 40.33 2.02
C ARG A 152 -7.49 38.84 1.68
N VAL A 153 -8.72 38.36 1.85
CA VAL A 153 -9.03 36.96 1.60
C VAL A 153 -10.19 36.85 0.61
N GLY A 154 -10.43 35.64 0.13
CA GLY A 154 -11.52 35.39 -0.81
C GLY A 154 -11.35 36.12 -2.12
N THR A 155 -12.46 36.52 -2.73
CA THR A 155 -12.44 37.31 -3.96
C THR A 155 -11.56 38.57 -3.83
N PHE A 156 -11.69 39.27 -2.71
CA PHE A 156 -10.97 40.55 -2.56
C PHE A 156 -9.47 40.36 -2.55
N GLY A 157 -9.03 39.20 -2.07
CA GLY A 157 -7.61 38.91 -1.98
C GLY A 157 -7.05 38.10 -3.13
N PHE A 158 -7.90 37.35 -3.83
CA PHE A 158 -7.39 36.32 -4.73
C PHE A 158 -8.13 36.13 -6.05
N LEU A 159 -9.21 36.87 -6.26
CA LEU A 159 -9.87 36.85 -7.57
C LEU A 159 -8.88 37.34 -8.62
N ALA A 160 -8.75 36.58 -9.71
CA ALA A 160 -7.74 36.90 -10.69
C ALA A 160 -8.21 36.71 -12.12
N LEU A 161 -7.83 37.65 -12.97
CA LEU A 161 -7.90 37.47 -14.41
C LEU A 161 -6.48 37.61 -14.88
N PRO A 162 -5.73 36.49 -14.88
CA PRO A 162 -4.28 36.48 -15.09
C PRO A 162 -3.88 37.22 -16.36
N GLY A 163 -2.95 38.17 -16.23
CA GLY A 163 -2.45 38.92 -17.36
C GLY A 163 -3.04 40.31 -17.44
N SER A 164 -4.20 40.50 -16.82
CA SER A 164 -4.85 41.82 -16.77
C SER A 164 -4.16 42.76 -15.77
N ARG A 165 -4.51 44.04 -15.84
CA ARG A 165 -3.90 45.05 -14.98
C ARG A 165 -4.74 45.26 -13.72
N GLU A 166 -6.05 45.08 -13.87
CA GLU A 166 -7.02 45.40 -12.83
C GLU A 166 -7.31 44.26 -11.84
N ALA A 167 -6.86 43.04 -12.16
CA ALA A 167 -6.97 41.89 -11.26
C ALA A 167 -5.87 40.87 -11.54
N PRO A 168 -4.62 41.23 -11.20
CA PRO A 168 -3.44 40.43 -11.54
C PRO A 168 -3.34 39.16 -10.71
N GLY A 169 -4.11 39.08 -9.63
CA GLY A 169 -4.09 37.93 -8.74
C GLY A 169 -3.09 38.05 -7.60
N ASN A 170 -3.24 37.18 -6.59
CA ASN A 170 -2.30 37.11 -5.46
C ASN A 170 -2.16 38.37 -4.59
N VAL A 171 -3.08 39.33 -4.71
CA VAL A 171 -2.91 40.60 -3.98
C VAL A 171 -2.97 40.39 -2.47
N GLY A 172 -3.63 39.32 -2.04
CA GLY A 172 -3.62 38.96 -0.64
C GLY A 172 -2.21 38.67 -0.15
N LEU A 173 -1.42 38.05 -1.02
CA LEU A 173 -0.02 37.75 -0.70
C LEU A 173 0.84 39.01 -0.74
N LEU A 174 0.50 39.95 -1.62
CA LEU A 174 1.21 41.23 -1.67
C LEU A 174 0.90 42.09 -0.43
N ASP A 175 -0.30 41.95 0.15
CA ASP A 175 -0.62 42.60 1.42
C ASP A 175 0.36 42.09 2.49
N GLN A 176 0.46 40.78 2.59
CA GLN A 176 1.42 40.13 3.46
C GLN A 176 2.83 40.67 3.27
N ARG A 177 3.27 40.71 2.01
CA ARG A 177 4.61 41.21 1.69
C ARG A 177 4.79 42.66 2.14
N LEU A 178 3.77 43.48 1.95
CA LEU A 178 3.81 44.90 2.33
C LEU A 178 3.99 45.04 3.82
N ALA A 179 3.34 44.18 4.59
CA ALA A 179 3.49 44.16 6.04
C ALA A 179 4.90 43.72 6.42
N LEU A 180 5.47 42.78 5.66
CA LEU A 180 6.85 42.35 5.89
C LEU A 180 7.85 43.50 5.65
N GLN A 181 7.58 44.34 4.65
CA GLN A 181 8.45 45.50 4.38
C GLN A 181 8.29 46.52 5.49
N TRP A 182 7.06 46.68 5.97
CA TRP A 182 6.78 47.57 7.08
C TRP A 182 7.60 47.16 8.31
N VAL A 183 7.75 45.85 8.53
CA VAL A 183 8.51 45.40 9.68
C VAL A 183 9.99 45.75 9.51
N GLN A 184 10.52 45.53 8.31
CA GLN A 184 11.91 45.87 8.03
C GLN A 184 12.21 47.33 8.34
N GLU A 185 11.30 48.23 7.98
CA GLU A 185 11.55 49.65 8.16
C GLU A 185 11.31 50.13 9.59
N ASN A 186 10.27 49.60 10.23
CA ASN A 186 9.74 50.20 11.45
C ASN A 186 9.95 49.44 12.75
N ILE A 187 10.27 48.15 12.68
CA ILE A 187 10.26 47.32 13.88
C ILE A 187 11.33 47.72 14.90
N ALA A 188 12.41 48.33 14.41
CA ALA A 188 13.47 48.80 15.29
C ALA A 188 12.96 49.85 16.30
N ALA A 189 11.88 50.54 15.95
CA ALA A 189 11.31 51.56 16.83
C ALA A 189 10.68 50.95 18.06
N PHE A 190 10.35 49.66 17.98
CA PHE A 190 9.69 48.95 19.06
C PHE A 190 10.72 48.08 19.78
N GLY A 191 11.96 48.10 19.30
CA GLY A 191 13.00 47.31 19.93
C GLY A 191 13.19 45.98 19.24
N GLY A 192 12.55 45.81 18.09
CA GLY A 192 12.69 44.58 17.32
C GLY A 192 13.91 44.63 16.41
N ASP A 193 14.47 43.45 16.13
CA ASP A 193 15.63 43.30 15.26
C ASP A 193 15.18 42.89 13.86
N PRO A 194 15.28 43.82 12.89
CA PRO A 194 14.84 43.49 11.53
C PRO A 194 15.77 42.47 10.87
N MET A 195 16.89 42.18 11.52
CA MET A 195 17.83 41.18 10.99
C MET A 195 17.57 39.77 11.52
N SER A 196 16.61 39.64 12.43
CA SER A 196 16.13 38.34 12.87
C SER A 196 14.61 38.28 12.82
N VAL A 197 14.08 37.97 11.63
CA VAL A 197 12.64 37.85 11.42
C VAL A 197 12.26 36.43 11.03
N THR A 198 11.40 35.82 11.84
CA THR A 198 10.92 34.46 11.59
C THR A 198 9.42 34.50 11.27
N LEU A 199 9.04 34.00 10.10
CA LEU A 199 7.62 33.85 9.77
C LEU A 199 7.07 32.56 10.35
N PHE A 200 5.88 32.60 10.90
CA PHE A 200 5.14 31.39 11.22
C PHE A 200 3.65 31.57 10.95
N GLY A 201 2.99 30.48 10.59
CA GLY A 201 1.57 30.51 10.26
C GLY A 201 1.03 29.10 10.15
N GLU A 202 -0.28 28.97 10.15
CA GLU A 202 -0.90 27.66 10.16
C GLU A 202 -1.88 27.53 9.00
N SER A 203 -2.02 26.32 8.45
CA SER A 203 -2.94 26.05 7.33
C SER A 203 -2.61 26.94 6.10
N ALA A 204 -3.58 27.73 5.64
CA ALA A 204 -3.28 28.66 4.55
C ALA A 204 -2.20 29.70 4.94
N GLY A 205 -2.05 29.95 6.25
CA GLY A 205 -0.98 30.80 6.74
C GLY A 205 0.37 30.14 6.49
N ALA A 206 0.44 28.85 6.80
CA ALA A 206 1.61 28.03 6.48
C ALA A 206 1.91 28.04 4.98
N ALA A 207 0.89 27.84 4.16
CA ALA A 207 1.08 27.87 2.71
C ALA A 207 1.62 29.24 2.27
N SER A 208 1.05 30.31 2.83
CA SER A 208 1.54 31.67 2.60
C SER A 208 3.04 31.75 2.91
N VAL A 209 3.44 31.24 4.07
CA VAL A 209 4.85 31.27 4.45
C VAL A 209 5.69 30.60 3.37
N GLY A 210 5.23 29.44 2.90
CA GLY A 210 5.94 28.71 1.86
C GLY A 210 6.04 29.50 0.57
N MET A 211 4.99 30.23 0.23
CA MET A 211 5.04 31.03 -0.99
C MET A 211 6.01 32.20 -0.91
N HIS A 212 6.20 32.76 0.29
CA HIS A 212 7.21 33.81 0.49
C HIS A 212 8.63 33.25 0.35
N ILE A 213 8.82 32.02 0.82
CA ILE A 213 10.06 31.29 0.58
C ILE A 213 10.35 31.11 -0.91
N LEU A 214 9.29 30.86 -1.68
CA LEU A 214 9.44 30.56 -3.11
C LEU A 214 9.36 31.79 -4.01
N SER A 215 9.20 32.96 -3.42
CA SER A 215 9.08 34.18 -4.23
C SER A 215 10.21 35.15 -3.91
N LEU A 216 11.08 35.40 -4.89
CA LEU A 216 12.30 36.18 -4.68
C LEU A 216 12.14 37.51 -3.92
N PRO A 217 11.20 38.37 -4.35
CA PRO A 217 11.16 39.67 -3.66
C PRO A 217 10.78 39.59 -2.16
N SER A 218 10.31 38.45 -1.67
CA SER A 218 10.03 38.31 -0.23
C SER A 218 11.26 37.87 0.55
N ARG A 219 12.28 37.40 -0.16
CA ARG A 219 13.39 36.71 0.49
C ARG A 219 14.31 37.59 1.34
N SER A 220 14.39 38.88 1.03
CA SER A 220 15.16 39.79 1.85
C SER A 220 14.38 40.22 3.09
N LEU A 221 13.16 39.71 3.24
CA LEU A 221 12.26 40.23 4.28
C LEU A 221 12.17 39.36 5.54
N PHE A 222 12.80 38.18 5.48
CA PHE A 222 12.78 37.24 6.62
C PHE A 222 13.98 36.28 6.57
N HIS A 223 14.21 35.56 7.66
CA HIS A 223 15.41 34.73 7.76
C HIS A 223 15.10 33.24 8.03
N ARG A 224 13.98 32.98 8.69
CA ARG A 224 13.58 31.63 9.07
C ARG A 224 12.07 31.47 8.93
N ALA A 225 11.60 30.23 8.91
CA ALA A 225 10.20 29.98 8.58
C ALA A 225 9.63 28.76 9.31
N VAL A 226 8.43 28.91 9.86
CA VAL A 226 7.70 27.79 10.44
C VAL A 226 6.40 27.56 9.69
N LEU A 227 6.14 26.32 9.29
CA LEU A 227 4.94 25.97 8.54
C LEU A 227 4.12 24.93 9.30
N GLN A 228 3.01 25.37 9.90
CA GLN A 228 2.18 24.49 10.73
C GLN A 228 0.97 23.98 9.93
N SER A 229 0.96 22.68 9.63
CA SER A 229 -0.16 22.03 8.93
C SER A 229 -0.55 22.72 7.62
N GLY A 230 0.43 23.01 6.76
CA GLY A 230 0.15 23.61 5.47
C GLY A 230 1.43 23.77 4.66
N THR A 231 1.26 23.81 3.34
CA THR A 231 2.40 23.82 2.41
C THR A 231 1.96 24.56 1.15
N PRO A 232 2.91 25.21 0.45
CA PRO A 232 2.47 25.89 -0.77
C PRO A 232 2.23 24.86 -1.90
N ASN A 233 2.91 23.73 -1.81
CA ASN A 233 2.64 22.63 -2.73
C ASN A 233 1.37 21.89 -2.27
N GLY A 234 0.89 20.95 -3.07
CA GLY A 234 -0.31 20.21 -2.68
C GLY A 234 -1.56 20.65 -3.43
N PRO A 235 -2.70 19.99 -3.15
CA PRO A 235 -3.87 20.09 -4.02
C PRO A 235 -4.77 21.32 -3.83
N TRP A 236 -4.63 22.05 -2.71
CA TRP A 236 -5.57 23.14 -2.43
C TRP A 236 -4.98 24.55 -2.41
N ALA A 237 -3.67 24.66 -2.20
CA ALA A 237 -3.06 25.98 -1.93
C ALA A 237 -2.89 26.88 -3.17
N THR A 238 -2.92 26.29 -4.37
CA THR A 238 -2.82 27.08 -5.61
C THR A 238 -3.79 26.58 -6.66
N VAL A 239 -4.10 27.44 -7.65
CA VAL A 239 -4.81 27.03 -8.85
C VAL A 239 -4.03 27.57 -10.04
N SER A 240 -4.21 26.97 -11.20
CA SER A 240 -3.55 27.46 -12.42
C SER A 240 -4.16 28.77 -12.85
N ALA A 241 -3.52 29.45 -13.80
CA ALA A 241 -4.08 30.68 -14.35
C ALA A 241 -5.41 30.40 -15.06
N GLY A 242 -5.46 29.30 -15.79
CA GLY A 242 -6.67 28.91 -16.50
C GLY A 242 -7.84 28.69 -15.56
N GLU A 243 -7.60 27.98 -14.47
CA GLU A 243 -8.66 27.71 -13.50
C GLU A 243 -9.08 28.98 -12.76
N ALA A 244 -8.11 29.82 -12.39
CA ALA A 244 -8.42 31.09 -11.75
C ALA A 244 -9.28 31.96 -12.66
N ARG A 245 -8.95 32.00 -13.95
CA ARG A 245 -9.71 32.81 -14.90
C ARG A 245 -11.15 32.29 -15.01
N ARG A 246 -11.29 30.97 -15.05
CA ARG A 246 -12.60 30.34 -15.16
C ARG A 246 -13.49 30.65 -13.96
N ARG A 247 -12.91 30.59 -12.76
CA ARG A 247 -13.66 30.85 -11.54
C ARG A 247 -14.07 32.31 -11.44
N ALA A 248 -13.16 33.21 -11.78
CA ALA A 248 -13.47 34.65 -11.73
C ALA A 248 -14.54 34.99 -12.78
N THR A 249 -14.46 34.38 -13.96
CA THR A 249 -15.46 34.65 -15.00
C THR A 249 -16.84 34.15 -14.58
N LEU A 250 -16.86 32.96 -13.97
CA LEU A 250 -18.12 32.39 -13.48
C LEU A 250 -18.73 33.25 -12.38
N LEU A 251 -17.93 33.61 -11.37
CA LEU A 251 -18.44 34.42 -10.27
C LEU A 251 -19.02 35.74 -10.77
N ALA A 252 -18.32 36.35 -11.73
CA ALA A 252 -18.81 37.55 -12.41
C ALA A 252 -20.22 37.33 -12.99
N ARG A 253 -20.42 36.22 -13.70
CA ARG A 253 -21.73 35.92 -14.29
C ARG A 253 -22.81 35.80 -13.22
N LEU A 254 -22.51 35.00 -12.19
CA LEU A 254 -23.43 34.80 -11.06
C LEU A 254 -23.92 36.09 -10.37
N VAL A 255 -23.13 37.17 -10.42
CA VAL A 255 -23.53 38.42 -9.77
C VAL A 255 -24.01 39.51 -10.72
N GLY A 256 -23.95 39.26 -12.02
CA GLY A 256 -24.52 40.16 -13.00
C GLY A 256 -23.53 40.86 -13.90
N CYS A 257 -22.33 40.32 -13.98
CA CYS A 257 -21.26 40.95 -14.75
C CYS A 257 -20.75 40.05 -15.86
N PRO A 258 -21.50 39.97 -16.98
CA PRO A 258 -21.00 39.19 -18.11
C PRO A 258 -19.80 39.89 -18.76
N ASN A 265 -12.27 44.38 -22.29
CA ASN A 265 -12.65 42.97 -22.12
C ASN A 265 -12.60 42.52 -20.66
N ASP A 266 -11.40 42.20 -20.18
CA ASP A 266 -11.20 41.98 -18.76
C ASP A 266 -11.48 43.27 -17.99
N THR A 267 -11.11 44.40 -18.59
CA THR A 267 -11.34 45.73 -17.99
C THR A 267 -12.79 45.98 -17.58
N GLU A 268 -13.71 45.73 -18.51
CA GLU A 268 -15.14 46.02 -18.31
C GLU A 268 -15.79 45.06 -17.33
N LEU A 269 -15.33 43.82 -17.33
CA LEU A 269 -15.79 42.80 -16.39
C LEU A 269 -15.42 43.19 -14.97
N ILE A 270 -14.16 43.53 -14.76
CA ILE A 270 -13.67 43.91 -13.45
C ILE A 270 -14.30 45.21 -12.99
N ALA A 271 -14.54 46.11 -13.93
CA ALA A 271 -15.17 47.37 -13.57
C ALA A 271 -16.59 47.12 -13.08
N CYS A 272 -17.27 46.14 -13.66
CA CYS A 272 -18.60 45.79 -13.20
C CYS A 272 -18.54 45.16 -11.80
N LEU A 273 -17.61 44.22 -11.60
CA LEU A 273 -17.42 43.62 -10.28
C LEU A 273 -17.17 44.68 -9.18
N ARG A 274 -16.47 45.75 -9.52
CA ARG A 274 -16.16 46.78 -8.53
C ARG A 274 -17.40 47.57 -8.12
N THR A 275 -18.47 47.45 -8.91
CA THR A 275 -19.71 48.12 -8.53
C THR A 275 -20.55 47.27 -7.58
N ARG A 276 -20.16 46.01 -7.42
CA ARG A 276 -20.92 45.07 -6.58
C ARG A 276 -20.64 45.26 -5.09
N PRO A 277 -21.70 45.15 -4.28
CA PRO A 277 -21.57 45.19 -2.81
C PRO A 277 -20.69 44.01 -2.37
N ALA A 278 -19.83 44.23 -1.38
CA ALA A 278 -18.95 43.17 -0.90
C ALA A 278 -19.70 41.88 -0.58
N GLN A 279 -20.85 42.01 0.06
CA GLN A 279 -21.63 40.85 0.47
C GLN A 279 -22.12 40.03 -0.72
N ASP A 280 -22.38 40.69 -1.85
CA ASP A 280 -22.83 39.98 -3.04
C ASP A 280 -21.76 38.97 -3.51
N LEU A 281 -20.49 39.40 -3.51
CA LEU A 281 -19.40 38.54 -3.92
C LEU A 281 -19.27 37.34 -2.97
N VAL A 282 -19.24 37.62 -1.67
CA VAL A 282 -19.21 36.57 -0.66
C VAL A 282 -20.34 35.54 -0.83
N ASP A 283 -21.56 36.03 -1.10
CA ASP A 283 -22.71 35.13 -1.20
C ASP A 283 -22.60 34.08 -2.33
N HIS A 284 -21.75 34.33 -3.32
CA HIS A 284 -21.61 33.43 -4.48
C HIS A 284 -20.26 32.75 -4.56
N GLU A 285 -19.39 33.06 -3.60
CA GLU A 285 -18.01 32.57 -3.59
C GLU A 285 -17.90 31.05 -3.75
N TRP A 286 -18.73 30.31 -3.02
CA TRP A 286 -18.65 28.85 -3.02
C TRP A 286 -19.20 28.17 -4.26
N HIS A 287 -19.93 28.92 -5.09
CA HIS A 287 -20.61 28.31 -6.25
C HIS A 287 -19.71 28.12 -7.46
N VAL A 288 -18.44 28.47 -7.37
CA VAL A 288 -17.55 28.40 -8.54
C VAL A 288 -16.59 27.20 -8.49
N LEU A 289 -16.64 26.41 -7.43
CA LEU A 289 -15.83 25.19 -7.36
C LEU A 289 -16.30 24.17 -8.39
N PRO A 290 -15.36 23.54 -9.12
CA PRO A 290 -15.70 22.66 -10.23
C PRO A 290 -16.33 21.33 -9.80
N GLN A 291 -15.99 20.84 -8.61
CA GLN A 291 -16.66 19.65 -8.09
C GLN A 291 -17.07 19.83 -6.64
N GLU A 292 -18.11 19.10 -6.23
CA GLU A 292 -18.47 18.93 -4.83
C GLU A 292 -17.22 18.46 -4.10
N SER A 293 -16.83 19.17 -3.05
CA SER A 293 -15.53 18.91 -2.43
C SER A 293 -15.42 19.38 -1.00
N ILE A 294 -14.47 18.81 -0.27
CA ILE A 294 -14.00 19.40 0.98
C ILE A 294 -12.51 19.71 0.85
N PHE A 295 -12.04 20.63 1.69
CA PHE A 295 -10.66 21.08 1.68
C PHE A 295 -10.29 21.65 0.32
N ARG A 296 -11.27 22.30 -0.32
CA ARG A 296 -11.03 23.09 -1.53
C ARG A 296 -11.61 24.50 -1.33
N PHE A 297 -10.92 25.50 -1.86
CA PHE A 297 -11.31 26.88 -1.66
C PHE A 297 -11.33 27.64 -2.98
N SER A 298 -12.37 28.43 -3.22
CA SER A 298 -12.60 29.04 -4.52
C SER A 298 -11.49 29.99 -4.99
N PHE A 299 -11.06 30.89 -4.10
CA PHE A 299 -10.09 31.92 -4.47
C PHE A 299 -8.85 31.88 -3.62
N VAL A 300 -7.77 31.39 -4.22
CA VAL A 300 -6.50 31.10 -3.57
C VAL A 300 -5.36 31.61 -4.46
N PRO A 301 -4.10 31.56 -3.98
CA PRO A 301 -3.01 32.03 -4.85
C PRO A 301 -2.97 31.35 -6.23
N VAL A 302 -2.65 32.14 -7.24
CA VAL A 302 -2.61 31.64 -8.60
C VAL A 302 -1.16 31.56 -9.10
N VAL A 303 -0.86 30.52 -9.88
CA VAL A 303 0.45 30.42 -10.56
C VAL A 303 0.46 31.39 -11.74
N ASP A 304 1.02 32.57 -11.50
CA ASP A 304 0.90 33.71 -12.43
C ASP A 304 2.15 33.93 -13.29
N GLY A 305 3.24 33.23 -12.97
CA GLY A 305 4.51 33.48 -13.61
C GLY A 305 5.20 34.74 -13.09
N ASP A 306 4.66 35.30 -12.02
CA ASP A 306 5.17 36.55 -11.43
C ASP A 306 5.54 36.39 -9.94
N PHE A 307 4.55 36.49 -9.06
CA PHE A 307 4.79 36.17 -7.64
C PHE A 307 5.29 34.72 -7.58
N LEU A 308 4.62 33.82 -8.28
CA LEU A 308 5.09 32.44 -8.41
C LEU A 308 5.55 32.18 -9.84
N SER A 309 6.86 32.08 -10.05
CA SER A 309 7.42 31.89 -11.39
C SER A 309 7.04 30.55 -12.04
N ASP A 310 6.64 29.58 -11.23
CA ASP A 310 6.21 28.25 -11.69
C ASP A 310 5.39 27.64 -10.55
N THR A 311 4.93 26.39 -10.72
CA THR A 311 4.22 25.69 -9.64
C THR A 311 5.16 25.50 -8.46
N PRO A 312 4.61 25.53 -7.23
CA PRO A 312 5.41 25.26 -6.03
C PRO A 312 6.14 23.91 -6.12
N GLU A 313 5.48 22.91 -6.68
CA GLU A 313 6.10 21.60 -6.89
C GLU A 313 7.41 21.70 -7.69
N ALA A 314 7.34 22.37 -8.85
CA ALA A 314 8.53 22.64 -9.65
C ALA A 314 9.58 23.46 -8.89
N LEU A 315 9.13 24.43 -8.12
CA LEU A 315 10.04 25.37 -7.44
C LEU A 315 10.80 24.73 -6.27
N ILE A 316 10.14 23.85 -5.52
CA ILE A 316 10.83 23.13 -4.45
C ILE A 316 11.69 21.97 -4.99
N ASN A 317 11.54 21.64 -6.26
CA ASN A 317 12.33 20.58 -6.88
C ASN A 317 13.69 21.08 -7.34
N THR A 318 13.75 22.34 -7.72
CA THR A 318 14.93 22.87 -8.42
C THR A 318 15.64 23.98 -7.66
N GLY A 319 15.10 24.39 -6.52
CA GLY A 319 15.65 25.52 -5.78
C GLY A 319 16.89 25.23 -4.95
N ASP A 320 17.64 26.29 -4.64
CA ASP A 320 18.77 26.22 -3.73
C ASP A 320 18.38 26.85 -2.39
N PHE A 321 18.24 26.01 -1.37
CA PHE A 321 17.80 26.46 -0.03
C PHE A 321 18.89 26.28 1.01
N GLN A 322 20.12 26.67 0.67
CA GLN A 322 21.29 26.38 1.50
C GLN A 322 21.25 26.99 2.91
N ASP A 323 20.92 28.27 2.99
CA ASP A 323 20.98 28.97 4.27
C ASP A 323 19.59 29.14 4.90
N LEU A 324 18.66 28.29 4.51
CA LEU A 324 17.31 28.36 5.05
C LEU A 324 17.12 27.34 6.18
N GLN A 325 16.62 27.81 7.31
CA GLN A 325 16.20 26.90 8.36
C GLN A 325 14.70 26.93 8.45
N VAL A 326 14.10 25.74 8.55
CA VAL A 326 12.64 25.64 8.52
C VAL A 326 12.14 24.66 9.58
N LEU A 327 11.03 25.00 10.20
CA LEU A 327 10.35 24.09 11.13
C LEU A 327 8.98 23.78 10.51
N VAL A 328 8.67 22.49 10.35
CA VAL A 328 7.39 22.07 9.76
C VAL A 328 6.76 20.97 10.59
N GLY A 329 5.45 20.79 10.46
CA GLY A 329 4.81 19.74 11.21
C GLY A 329 3.31 19.66 11.01
N VAL A 330 2.70 18.68 11.67
CA VAL A 330 1.28 18.38 11.49
C VAL A 330 0.66 18.02 12.85
N VAL A 331 -0.66 18.04 12.93
CA VAL A 331 -1.36 17.53 14.10
C VAL A 331 -1.82 16.11 13.80
N LYS A 332 -2.24 15.39 14.84
CA LYS A 332 -2.58 13.99 14.72
C LYS A 332 -3.74 13.66 13.80
N ASP A 333 -4.76 14.51 13.75
CA ASP A 333 -5.95 14.21 12.95
C ASP A 333 -6.30 15.36 12.01
N GLU A 334 -5.48 15.53 10.96
CA GLU A 334 -5.64 16.67 10.07
C GLU A 334 -7.00 16.72 9.37
N GLY A 335 -7.57 15.55 9.07
CA GLY A 335 -8.75 15.49 8.23
C GLY A 335 -10.10 15.59 8.92
N SER A 336 -10.16 15.25 10.21
CA SER A 336 -11.46 15.09 10.89
C SER A 336 -12.37 16.33 10.80
N TYR A 337 -11.82 17.52 11.05
CA TYR A 337 -12.58 18.78 11.05
C TYR A 337 -13.38 18.98 9.76
N PHE A 338 -12.79 18.62 8.63
CA PHE A 338 -13.39 18.87 7.33
C PHE A 338 -14.57 17.96 6.97
N LEU A 339 -14.64 16.80 7.61
CA LEU A 339 -15.67 15.80 7.27
C LEU A 339 -17.10 16.25 7.59
N VAL A 340 -17.27 17.02 8.67
CA VAL A 340 -18.60 17.49 9.05
C VAL A 340 -19.11 18.64 8.18
N TYR A 341 -18.24 19.15 7.30
CA TYR A 341 -18.64 20.22 6.39
C TYR A 341 -18.92 19.71 4.98
N GLY A 342 -19.46 18.50 4.84
CA GLY A 342 -19.75 18.01 3.51
C GLY A 342 -19.87 16.51 3.24
N VAL A 343 -19.19 15.68 4.03
CA VAL A 343 -19.31 14.23 3.82
C VAL A 343 -20.52 13.63 4.55
N PRO A 344 -21.52 13.15 3.81
CA PRO A 344 -22.73 12.56 4.39
C PRO A 344 -22.36 11.43 5.37
N GLY A 345 -23.04 11.37 6.51
CA GLY A 345 -22.72 10.40 7.55
C GLY A 345 -21.97 11.02 8.71
N PHE A 346 -21.42 12.22 8.52
CA PHE A 346 -20.56 12.85 9.52
C PHE A 346 -21.19 14.02 10.27
N SER A 347 -21.04 14.01 11.60
CA SER A 347 -21.60 15.04 12.47
C SER A 347 -20.74 15.22 13.72
N LYS A 348 -20.70 16.44 14.24
CA LYS A 348 -20.02 16.65 15.51
C LYS A 348 -20.86 16.05 16.66
N ASP A 349 -22.15 15.84 16.38
CA ASP A 349 -23.11 15.46 17.42
C ASP A 349 -23.43 13.96 17.54
N ASN A 350 -22.77 13.14 16.72
CA ASN A 350 -22.79 11.69 16.91
C ASN A 350 -21.43 11.06 16.61
N GLU A 351 -21.35 9.73 16.75
CA GLU A 351 -20.09 9.01 16.56
C GLU A 351 -19.62 8.95 15.10
N SER A 352 -20.50 9.32 14.18
CA SER A 352 -20.20 9.32 12.74
C SER A 352 -19.68 7.97 12.22
N LEU A 353 -20.17 6.88 12.80
CA LEU A 353 -19.88 5.55 12.27
C LEU A 353 -20.56 5.46 10.90
N ILE A 354 -19.78 5.17 9.87
CA ILE A 354 -20.29 5.19 8.50
C ILE A 354 -20.23 3.83 7.82
N SER A 355 -21.01 3.68 6.74
CA SER A 355 -21.03 2.44 5.95
C SER A 355 -19.96 2.47 4.87
N ARG A 356 -19.72 1.33 4.27
CA ARG A 356 -18.78 1.25 3.15
C ARG A 356 -19.21 2.15 1.99
N ALA A 357 -20.50 2.17 1.69
CA ALA A 357 -21.02 3.04 0.64
C ALA A 357 -20.68 4.48 0.93
N GLN A 358 -20.95 4.91 2.16
CA GLN A 358 -20.69 6.29 2.56
C GLN A 358 -19.20 6.62 2.47
N PHE A 359 -18.35 5.63 2.69
CA PHE A 359 -16.92 5.83 2.57
C PHE A 359 -16.53 6.05 1.11
N LEU A 360 -17.08 5.24 0.22
CA LEU A 360 -16.81 5.39 -1.22
C LEU A 360 -17.28 6.75 -1.71
N ALA A 361 -18.46 7.17 -1.27
CA ALA A 361 -18.96 8.49 -1.62
C ALA A 361 -18.05 9.60 -1.04
N GLY A 362 -17.59 9.41 0.19
CA GLY A 362 -16.73 10.40 0.84
C GLY A 362 -15.39 10.61 0.16
N VAL A 363 -14.85 9.53 -0.40
CA VAL A 363 -13.59 9.59 -1.13
C VAL A 363 -13.69 10.46 -2.39
N ARG A 364 -14.80 10.38 -3.11
CA ARG A 364 -15.00 11.21 -4.30
C ARG A 364 -15.06 12.69 -3.94
N ILE A 365 -15.61 12.99 -2.77
CA ILE A 365 -15.69 14.36 -2.29
C ILE A 365 -14.34 14.82 -1.74
N GLY A 366 -13.68 13.95 -0.97
CA GLY A 366 -12.39 14.25 -0.36
C GLY A 366 -11.24 14.32 -1.35
N VAL A 367 -11.38 13.62 -2.47
CA VAL A 367 -10.37 13.65 -3.53
C VAL A 367 -11.09 14.01 -4.82
N PRO A 368 -11.59 15.26 -4.90
CA PRO A 368 -12.54 15.62 -5.97
C PRO A 368 -11.95 15.58 -7.38
N GLN A 369 -10.63 15.66 -7.49
CA GLN A 369 -9.99 15.62 -8.81
CA GLN A 369 -9.96 15.63 -8.79
C GLN A 369 -9.68 14.20 -9.28
N ALA A 370 -9.95 13.20 -8.43
CA ALA A 370 -9.65 11.80 -8.79
C ALA A 370 -10.55 11.23 -9.90
N SER A 371 -9.94 10.50 -10.84
CA SER A 371 -10.70 9.68 -11.75
C SER A 371 -11.28 8.50 -10.96
N ASP A 372 -12.14 7.72 -11.59
CA ASP A 372 -12.72 6.55 -10.95
C ASP A 372 -11.62 5.58 -10.51
N LEU A 373 -10.64 5.38 -11.37
CA LEU A 373 -9.52 4.47 -11.07
C LEU A 373 -8.69 4.97 -9.88
N ALA A 374 -8.32 6.25 -9.89
CA ALA A 374 -7.56 6.82 -8.79
C ALA A 374 -8.35 6.70 -7.50
N ALA A 375 -9.64 6.99 -7.56
CA ALA A 375 -10.53 6.87 -6.42
C ALA A 375 -10.49 5.46 -5.85
N GLU A 376 -10.60 4.47 -6.73
CA GLU A 376 -10.54 3.09 -6.33
C GLU A 376 -9.18 2.72 -5.73
N ALA A 377 -8.10 3.26 -6.29
CA ALA A 377 -6.78 3.05 -5.69
C ALA A 377 -6.77 3.54 -4.24
N VAL A 378 -7.38 4.71 -4.01
CA VAL A 378 -7.47 5.29 -2.67
C VAL A 378 -8.24 4.37 -1.74
N VAL A 379 -9.42 3.96 -2.18
CA VAL A 379 -10.28 3.10 -1.38
C VAL A 379 -9.62 1.77 -1.04
N LEU A 380 -8.91 1.22 -2.01
CA LEU A 380 -8.23 -0.06 -1.81
C LEU A 380 -7.05 0.09 -0.84
N HIS A 381 -6.30 1.18 -0.98
CA HIS A 381 -5.20 1.42 -0.05
C HIS A 381 -5.65 1.63 1.39
N TYR A 382 -6.76 2.35 1.59
CA TYR A 382 -7.19 2.71 2.93
C TYR A 382 -8.14 1.71 3.60
N THR A 383 -8.72 0.80 2.80
CA THR A 383 -9.60 -0.23 3.33
C THR A 383 -8.79 -1.15 4.26
N ASP A 384 -9.38 -1.59 5.36
CA ASP A 384 -8.78 -2.65 6.17
C ASP A 384 -9.36 -4.01 5.74
N TRP A 385 -8.58 -4.80 5.01
CA TRP A 385 -9.15 -5.97 4.34
C TRP A 385 -9.51 -7.13 5.27
N LEU A 386 -9.09 -7.00 6.53
CA LEU A 386 -9.59 -7.87 7.60
C LEU A 386 -10.96 -7.44 8.13
N HIS A 387 -11.28 -6.16 7.99
CA HIS A 387 -12.56 -5.63 8.48
C HIS A 387 -13.08 -4.55 7.53
N PRO A 388 -13.32 -4.92 6.25
CA PRO A 388 -13.58 -3.90 5.24
C PRO A 388 -14.93 -3.19 5.42
N GLU A 389 -15.80 -3.72 6.26
CA GLU A 389 -17.12 -3.13 6.47
C GLU A 389 -17.25 -2.46 7.84
N ASP A 390 -16.17 -2.48 8.62
CA ASP A 390 -16.24 -1.93 9.99
C ASP A 390 -16.39 -0.40 10.01
N PRO A 391 -17.50 0.08 10.59
CA PRO A 391 -17.88 1.51 10.59
C PRO A 391 -16.88 2.40 11.31
N THR A 392 -16.29 1.91 12.39
CA THR A 392 -15.32 2.74 13.12
C THR A 392 -14.08 2.93 12.25
N HIS A 393 -13.59 1.83 11.67
CA HIS A 393 -12.44 1.92 10.80
C HIS A 393 -12.70 2.80 9.60
N LEU A 394 -13.86 2.65 8.99
CA LEU A 394 -14.19 3.42 7.80
C LEU A 394 -14.23 4.93 8.12
N ARG A 395 -14.82 5.27 9.27
CA ARG A 395 -14.85 6.65 9.74
C ARG A 395 -13.44 7.23 9.86
N ASP A 396 -12.58 6.52 10.59
CA ASP A 396 -11.19 6.93 10.78
C ASP A 396 -10.36 6.94 9.50
N ALA A 397 -10.73 6.08 8.54
CA ALA A 397 -10.03 6.05 7.27
C ALA A 397 -10.40 7.24 6.40
N MET A 398 -11.67 7.63 6.44
CA MET A 398 -12.14 8.82 5.75
C MET A 398 -11.34 10.03 6.23
N SER A 399 -11.16 10.13 7.55
CA SER A 399 -10.41 11.24 8.13
C SER A 399 -8.95 11.21 7.64
N ALA A 400 -8.36 10.02 7.61
CA ALA A 400 -6.98 9.86 7.20
C ALA A 400 -6.77 10.20 5.73
N VAL A 401 -7.71 9.79 4.87
CA VAL A 401 -7.67 10.17 3.46
C VAL A 401 -7.55 11.70 3.28
N VAL A 402 -8.45 12.42 3.94
CA VAL A 402 -8.50 13.87 3.81
C VAL A 402 -7.25 14.53 4.39
N GLY A 403 -6.82 14.09 5.57
CA GLY A 403 -5.62 14.60 6.22
C GLY A 403 -4.33 14.28 5.48
N ASP A 404 -4.20 13.04 4.99
CA ASP A 404 -3.00 12.63 4.26
C ASP A 404 -2.87 13.35 2.93
N HIS A 405 -3.98 13.42 2.20
CA HIS A 405 -3.98 14.00 0.87
C HIS A 405 -3.65 15.50 0.93
N ASN A 406 -4.28 16.19 1.86
CA ASN A 406 -4.22 17.66 1.93
C ASN A 406 -3.06 18.25 2.75
N VAL A 407 -2.64 17.57 3.81
CA VAL A 407 -1.65 18.13 4.72
C VAL A 407 -0.41 17.24 4.94
N VAL A 408 -0.64 16.03 5.46
CA VAL A 408 0.48 15.19 5.92
C VAL A 408 1.46 14.81 4.83
N CYS A 409 0.95 14.44 3.66
CA CYS A 409 1.85 14.08 2.57
C CYS A 409 2.47 15.29 1.84
N PRO A 410 1.69 16.36 1.64
CA PRO A 410 2.37 17.58 1.14
C PRO A 410 3.48 18.08 2.08
N VAL A 411 3.27 17.98 3.39
CA VAL A 411 4.35 18.34 4.33
C VAL A 411 5.56 17.43 4.16
N ALA A 412 5.31 16.11 4.15
CA ALA A 412 6.38 15.11 3.96
C ALA A 412 7.20 15.42 2.73
N GLN A 413 6.50 15.61 1.62
CA GLN A 413 7.11 16.03 0.37
C GLN A 413 7.94 17.34 0.53
N LEU A 414 7.37 18.34 1.20
CA LEU A 414 8.10 19.60 1.39
C LEU A 414 9.37 19.38 2.24
N ALA A 415 9.23 18.70 3.37
CA ALA A 415 10.38 18.42 4.23
C ALA A 415 11.47 17.69 3.44
N GLY A 416 11.07 16.69 2.67
CA GLY A 416 11.99 15.92 1.86
C GLY A 416 12.73 16.72 0.81
N ARG A 417 11.99 17.50 0.02
CA ARG A 417 12.63 18.31 -1.03
C ARG A 417 13.54 19.39 -0.45
N LEU A 418 13.07 20.11 0.56
CA LEU A 418 13.87 21.19 1.15
C LEU A 418 15.17 20.66 1.76
N ALA A 419 15.08 19.50 2.41
CA ALA A 419 16.25 18.89 3.02
C ALA A 419 17.27 18.50 1.95
N ALA A 420 16.76 17.92 0.86
CA ALA A 420 17.61 17.49 -0.26
C ALA A 420 18.26 18.68 -0.98
N GLN A 421 17.71 19.88 -0.78
CA GLN A 421 18.22 21.07 -1.45
C GLN A 421 19.01 21.98 -0.51
N GLY A 422 19.42 21.44 0.64
CA GLY A 422 20.31 22.16 1.54
C GLY A 422 19.72 22.83 2.76
N ALA A 423 18.41 22.87 2.87
CA ALA A 423 17.77 23.52 4.02
C ALA A 423 17.95 22.69 5.27
N ARG A 424 17.98 23.36 6.42
CA ARG A 424 17.94 22.68 7.71
C ARG A 424 16.47 22.60 8.13
N VAL A 425 15.98 21.38 8.28
CA VAL A 425 14.56 21.14 8.50
C VAL A 425 14.33 20.47 9.84
N TYR A 426 13.35 20.94 10.59
CA TYR A 426 12.91 20.26 11.79
C TYR A 426 11.42 19.91 11.66
N ALA A 427 11.08 18.64 11.89
CA ALA A 427 9.70 18.18 11.70
C ALA A 427 9.07 17.68 13.00
N TYR A 428 7.75 17.88 13.16
CA TYR A 428 7.05 17.41 14.36
C TYR A 428 5.68 16.81 14.03
N ILE A 429 5.17 15.99 14.94
CA ILE A 429 3.74 15.70 14.98
C ILE A 429 3.22 16.12 16.37
N PHE A 430 2.10 16.85 16.36
CA PHE A 430 1.50 17.35 17.58
C PHE A 430 0.34 16.42 17.96
N GLU A 431 0.45 15.76 19.12
CA GLU A 431 -0.48 14.67 19.43
C GLU A 431 -1.37 14.91 20.64
N HIS A 432 -1.17 16.04 21.32
CA HIS A 432 -1.96 16.31 22.52
C HIS A 432 -3.31 16.95 22.21
N ARG A 433 -4.35 16.39 22.81
CA ARG A 433 -5.71 16.91 22.64
C ARG A 433 -6.09 17.75 23.86
N ALA A 434 -6.41 19.02 23.63
CA ALA A 434 -6.75 19.95 24.73
C ALA A 434 -7.89 19.42 25.59
N SER A 435 -7.70 19.48 26.91
CA SER A 435 -8.75 19.06 27.84
C SER A 435 -9.99 19.94 27.69
N THR A 436 -9.80 21.14 27.15
CA THR A 436 -10.89 22.09 26.93
C THR A 436 -11.58 21.97 25.57
N LEU A 437 -11.18 21.02 24.74
CA LEU A 437 -11.71 20.91 23.37
C LEU A 437 -13.24 20.63 23.36
N THR A 438 -13.99 21.35 22.51
CA THR A 438 -15.44 21.18 22.45
C THR A 438 -15.89 20.24 21.33
N TRP A 439 -14.98 19.92 20.41
CA TRP A 439 -15.29 18.94 19.38
C TRP A 439 -15.29 17.54 20.03
N PRO A 440 -16.02 16.58 19.44
CA PRO A 440 -16.11 15.23 20.03
C PRO A 440 -14.80 14.45 19.95
N LEU A 441 -14.70 13.38 20.75
CA LEU A 441 -13.48 12.59 20.82
C LEU A 441 -13.05 11.99 19.49
N TRP A 442 -14.01 11.49 18.69
CA TRP A 442 -13.65 10.83 17.43
C TRP A 442 -12.82 11.73 16.50
N MET A 443 -12.92 13.05 16.67
CA MET A 443 -12.13 13.95 15.85
C MET A 443 -10.66 14.00 16.26
N GLY A 444 -10.33 13.45 17.43
CA GLY A 444 -8.94 13.35 17.88
C GLY A 444 -8.33 14.72 18.14
N VAL A 445 -7.17 14.98 17.54
CA VAL A 445 -6.54 16.30 17.61
C VAL A 445 -6.71 16.98 16.25
N PRO A 446 -7.76 17.82 16.12
CA PRO A 446 -8.15 18.33 14.79
C PRO A 446 -7.25 19.46 14.30
N HIS A 447 -7.36 19.73 13.00
CA HIS A 447 -6.68 20.83 12.32
C HIS A 447 -6.85 22.15 13.11
N GLY A 448 -5.75 22.82 13.42
CA GLY A 448 -5.78 24.12 14.08
C GLY A 448 -5.65 24.10 15.60
N TYR A 449 -5.61 22.92 16.20
CA TYR A 449 -5.71 22.87 17.65
C TYR A 449 -4.37 22.73 18.41
N GLU A 450 -3.28 22.98 17.69
CA GLU A 450 -1.99 23.17 18.35
C GLU A 450 -1.76 24.66 18.59
N ILE A 451 -2.41 25.50 17.79
CA ILE A 451 -2.18 26.96 17.82
C ILE A 451 -2.27 27.59 19.22
N GLU A 452 -3.38 27.31 19.93
CA GLU A 452 -3.59 27.83 21.28
C GLU A 452 -2.46 27.47 22.25
N PHE A 453 -1.75 26.37 21.99
CA PHE A 453 -0.60 26.00 22.80
C PHE A 453 0.68 26.76 22.43
N ILE A 454 0.93 26.94 21.13
CA ILE A 454 2.08 27.71 20.67
C ILE A 454 2.05 29.15 21.20
N PHE A 455 0.86 29.72 21.28
CA PHE A 455 0.71 31.11 21.72
C PHE A 455 0.64 31.24 23.24
N GLY A 456 0.51 30.13 23.96
CA GLY A 456 0.56 30.14 25.40
C GLY A 456 -0.74 30.44 26.12
N LEU A 457 -1.86 30.29 25.43
CA LEU A 457 -3.17 30.43 26.07
C LEU A 457 -3.37 29.63 27.38
N PRO A 458 -2.77 28.43 27.52
CA PRO A 458 -3.00 27.77 28.81
C PRO A 458 -2.36 28.48 30.02
N LEU A 459 -1.64 29.58 29.79
CA LEU A 459 -1.09 30.38 30.90
C LEU A 459 -2.16 31.30 31.51
N ASP A 460 -3.23 31.53 30.76
CA ASP A 460 -4.37 32.30 31.27
C ASP A 460 -5.20 31.42 32.21
N PRO A 461 -5.15 31.73 33.52
CA PRO A 461 -5.75 30.87 34.54
C PRO A 461 -7.27 30.76 34.38
N SER A 462 -7.91 31.82 33.88
CA SER A 462 -9.34 31.77 33.61
C SER A 462 -9.78 30.74 32.54
N LEU A 463 -8.84 30.20 31.78
CA LEU A 463 -9.17 29.31 30.66
C LEU A 463 -9.33 27.82 31.03
N ASN A 464 -9.04 27.47 32.29
CA ASN A 464 -9.29 26.13 32.81
C ASN A 464 -8.44 24.98 32.23
N TYR A 465 -7.29 25.29 31.65
CA TYR A 465 -6.36 24.25 31.22
C TYR A 465 -5.74 23.59 32.45
N THR A 466 -5.25 22.35 32.30
CA THR A 466 -4.59 21.65 33.40
C THR A 466 -3.18 22.19 33.64
N THR A 467 -2.60 21.82 34.78
CA THR A 467 -1.24 22.26 35.13
C THR A 467 -0.21 21.69 34.15
N GLU A 468 -0.42 20.46 33.73
CA GLU A 468 0.43 19.78 32.76
C GLU A 468 0.39 20.50 31.41
N GLU A 469 -0.81 20.94 31.01
CA GLU A 469 -0.98 21.69 29.77
C GLU A 469 -0.27 23.04 29.82
N ARG A 470 -0.23 23.64 31.01
CA ARG A 470 0.46 24.90 31.22
C ARG A 470 1.95 24.71 30.98
N ILE A 471 2.51 23.67 31.60
CA ILE A 471 3.91 23.34 31.44
C ILE A 471 4.23 23.00 29.98
N PHE A 472 3.36 22.19 29.39
CA PHE A 472 3.46 21.79 27.99
C PHE A 472 3.54 23.01 27.08
N ALA A 473 2.62 23.96 27.28
CA ALA A 473 2.60 25.17 26.46
C ALA A 473 3.93 25.94 26.52
N GLN A 474 4.48 26.07 27.73
CA GLN A 474 5.76 26.75 27.93
C GLN A 474 6.91 26.10 27.16
N ARG A 475 6.91 24.76 27.14
CA ARG A 475 7.89 24.00 26.35
C ARG A 475 7.81 24.36 24.86
N LEU A 476 6.58 24.37 24.33
CA LEU A 476 6.38 24.68 22.92
C LEU A 476 6.80 26.11 22.59
N MET A 477 6.43 27.07 23.45
CA MET A 477 6.88 28.45 23.31
C MET A 477 8.40 28.51 23.27
N LYS A 478 9.05 27.76 24.15
CA LYS A 478 10.50 27.68 24.15
C LYS A 478 11.07 27.19 22.81
N TYR A 479 10.52 26.08 22.29
CA TYR A 479 10.97 25.53 21.00
C TYR A 479 10.84 26.56 19.91
N TRP A 480 9.64 27.11 19.75
CA TRP A 480 9.38 28.10 18.70
C TRP A 480 10.33 29.31 18.81
N THR A 481 10.43 29.90 20.01
CA THR A 481 11.29 31.08 20.19
C THR A 481 12.79 30.77 20.08
N ASN A 482 13.22 29.60 20.57
CA ASN A 482 14.60 29.17 20.34
C ASN A 482 14.91 29.07 18.84
N PHE A 483 13.95 28.51 18.09
CA PHE A 483 14.12 28.37 16.66
C PHE A 483 14.19 29.73 15.97
N ALA A 484 13.31 30.64 16.37
CA ALA A 484 13.35 32.03 15.87
C ALA A 484 14.70 32.67 16.14
N ARG A 485 15.22 32.47 17.35
CA ARG A 485 16.49 33.07 17.78
C ARG A 485 17.70 32.49 17.06
N THR A 486 17.74 31.17 16.90
CA THR A 486 18.97 30.47 16.53
C THR A 486 18.87 29.58 15.30
N GLY A 487 17.66 29.29 14.85
CA GLY A 487 17.47 28.34 13.77
C GLY A 487 17.50 26.90 14.27
N ASP A 488 17.35 26.75 15.59
CA ASP A 488 17.42 25.45 16.26
C ASP A 488 16.45 25.49 17.43
N PRO A 489 15.52 24.51 17.49
CA PRO A 489 14.54 24.53 18.59
C PRO A 489 15.11 24.04 19.92
N ASN A 490 16.27 23.38 19.90
CA ASN A 490 16.86 22.83 21.12
C ASN A 490 17.46 23.91 22.04
N ASP A 491 17.43 23.66 23.35
CA ASP A 491 18.07 24.56 24.32
C ASP A 491 19.51 24.15 24.55
N PRO A 492 20.46 25.08 24.31
CA PRO A 492 21.90 24.83 24.51
C PRO A 492 22.27 24.71 25.99
N ARG A 493 21.40 25.19 26.86
CA ARG A 493 21.61 25.11 28.30
C ARG A 493 20.79 23.98 28.90
N ASP A 494 20.56 22.94 28.11
CA ASP A 494 19.72 21.81 28.51
C ASP A 494 20.03 20.57 27.67
N SER A 495 21.28 20.12 27.73
CA SER A 495 21.69 18.89 27.04
C SER A 495 21.03 17.67 27.68
N LYS A 496 20.65 17.81 28.95
CA LYS A 496 19.96 16.76 29.69
C LYS A 496 18.64 16.32 29.03
N SER A 497 17.83 17.29 28.62
CA SER A 497 16.59 17.00 27.90
C SER A 497 16.88 16.41 26.52
N PRO A 498 16.03 15.45 26.09
CA PRO A 498 16.23 14.75 24.80
C PRO A 498 16.25 15.74 23.64
N GLN A 499 17.08 15.47 22.64
CA GLN A 499 17.31 16.39 21.52
C GLN A 499 16.33 16.21 20.37
N TRP A 500 16.12 17.30 19.62
CA TRP A 500 15.28 17.31 18.42
C TRP A 500 16.21 17.34 17.21
N PRO A 501 16.42 16.17 16.57
CA PRO A 501 17.33 16.13 15.42
C PRO A 501 16.66 16.70 14.20
N PRO A 502 17.45 17.21 13.25
CA PRO A 502 16.96 17.66 11.94
C PRO A 502 16.31 16.53 11.13
N TYR A 503 15.35 16.88 10.27
CA TYR A 503 14.81 15.91 9.31
C TYR A 503 15.79 15.78 8.17
N THR A 504 16.12 14.55 7.80
CA THR A 504 16.98 14.29 6.64
C THR A 504 16.35 13.22 5.75
N THR A 505 16.70 13.24 4.46
CA THR A 505 16.29 12.20 3.55
C THR A 505 16.76 10.83 4.04
N ALA A 506 18.01 10.77 4.47
CA ALA A 506 18.62 9.52 4.93
C ALA A 506 17.89 8.87 6.12
N ALA A 507 17.55 9.67 7.13
CA ALA A 507 16.99 9.12 8.37
C ALA A 507 15.53 9.47 8.64
N GLN A 508 15.05 10.57 8.06
CA GLN A 508 13.64 10.96 8.13
C GLN A 508 13.12 11.10 9.56
N GLN A 509 13.93 11.69 10.44
CA GLN A 509 13.53 11.86 11.84
C GLN A 509 12.63 13.06 12.08
N TYR A 510 11.68 12.88 12.98
CA TYR A 510 10.81 13.94 13.46
C TYR A 510 10.48 13.61 14.91
N VAL A 511 9.79 14.50 15.61
CA VAL A 511 9.49 14.26 17.02
C VAL A 511 8.00 14.33 17.33
N SER A 512 7.60 13.62 18.38
CA SER A 512 6.25 13.76 18.92
C SER A 512 6.15 14.94 19.92
N LEU A 513 5.12 15.75 19.75
CA LEU A 513 4.83 16.82 20.71
C LEU A 513 3.58 16.49 21.53
N ASN A 514 3.80 16.11 22.79
CA ASN A 514 2.72 15.83 23.74
C ASN A 514 3.20 16.07 25.17
N LEU A 515 2.48 15.51 26.14
CA LEU A 515 2.80 15.75 27.56
C LEU A 515 4.08 15.07 27.99
N LYS A 516 4.42 13.97 27.32
CA LYS A 516 5.62 13.19 27.60
C LYS A 516 6.83 13.85 26.96
N PRO A 517 8.04 13.56 27.47
CA PRO A 517 9.20 14.22 26.87
C PRO A 517 9.36 13.83 25.40
N LEU A 518 10.02 14.69 24.62
CA LEU A 518 10.28 14.43 23.20
C LEU A 518 10.63 12.97 22.89
N GLU A 519 9.92 12.39 21.93
CA GLU A 519 10.26 11.07 21.41
C GLU A 519 10.61 11.22 19.93
N VAL A 520 11.67 10.56 19.48
CA VAL A 520 12.08 10.66 18.09
C VAL A 520 11.51 9.49 17.28
N ARG A 521 10.79 9.81 16.21
CA ARG A 521 10.25 8.80 15.31
C ARG A 521 10.87 8.93 13.92
N ARG A 522 10.78 7.86 13.14
CA ARG A 522 11.33 7.86 11.78
C ARG A 522 10.23 7.63 10.75
N GLY A 523 10.29 8.41 9.67
CA GLY A 523 9.36 8.22 8.56
C GLY A 523 8.02 8.87 8.79
N LEU A 524 7.76 9.94 8.04
CA LEU A 524 6.49 10.65 8.11
C LEU A 524 5.47 9.98 7.19
N ARG A 525 4.74 9.01 7.74
CA ARG A 525 3.90 8.13 6.94
C ARG A 525 4.54 7.75 5.61
N ALA A 526 5.75 7.22 5.67
CA ALA A 526 6.50 6.95 4.44
C ALA A 526 5.74 6.10 3.40
N GLN A 527 5.14 4.97 3.81
CA GLN A 527 4.49 4.09 2.83
C GLN A 527 3.31 4.76 2.15
N THR A 528 2.37 5.23 2.95
CA THR A 528 1.20 5.95 2.44
C THR A 528 1.55 7.18 1.60
N CYS A 529 2.54 7.96 2.03
CA CYS A 529 2.90 9.15 1.25
C CYS A 529 3.57 8.82 -0.09
N ALA A 530 4.24 7.68 -0.17
CA ALA A 530 4.75 7.19 -1.45
C ALA A 530 3.59 6.97 -2.43
N PHE A 531 2.47 6.49 -1.92
CA PHE A 531 1.26 6.37 -2.73
C PHE A 531 0.81 7.74 -3.25
N TRP A 532 0.54 8.69 -2.35
CA TRP A 532 0.08 10.02 -2.76
C TRP A 532 1.11 10.80 -3.57
N ASN A 533 2.36 10.74 -3.16
CA ASN A 533 3.39 11.63 -3.73
C ASN A 533 4.11 11.07 -4.98
N ARG A 534 4.20 9.75 -5.08
CA ARG A 534 4.91 9.13 -6.19
C ARG A 534 4.00 8.45 -7.19
N PHE A 535 3.03 7.68 -6.70
CA PHE A 535 2.20 6.88 -7.58
C PHE A 535 1.00 7.62 -8.16
N LEU A 536 0.20 8.24 -7.31
CA LEU A 536 -1.02 8.91 -7.78
C LEU A 536 -0.84 9.87 -8.97
N PRO A 537 0.23 10.70 -8.96
CA PRO A 537 0.44 11.58 -10.11
C PRO A 537 0.66 10.82 -11.42
N LYS A 538 1.37 9.71 -11.37
CA LYS A 538 1.57 8.85 -12.54
C LYS A 538 0.23 8.32 -13.04
N LEU A 539 -0.66 7.98 -12.12
CA LEU A 539 -1.94 7.38 -12.45
C LEU A 539 -2.88 8.37 -13.13
N LEU A 540 -3.01 9.55 -12.54
CA LEU A 540 -3.84 10.62 -13.09
C LEU A 540 -3.36 11.08 -14.47
N SER A 541 -2.04 11.05 -14.69
CA SER A 541 -1.45 11.30 -16.00
C SER A 541 -2.15 10.48 -17.09
N ALA A 542 -2.26 9.18 -16.84
CA ALA A 542 -2.94 8.27 -17.75
C ALA A 542 -4.37 7.98 -17.28
N GLU B 4 5.82 -68.18 -2.97
CA GLU B 4 5.97 -66.73 -3.01
C GLU B 4 4.98 -66.01 -2.06
N ASP B 5 5.31 -64.78 -1.67
CA ASP B 5 4.52 -64.02 -0.70
C ASP B 5 3.14 -63.63 -1.26
N PRO B 6 2.06 -64.17 -0.66
CA PRO B 6 0.70 -63.92 -1.15
C PRO B 6 0.22 -62.52 -0.83
N GLN B 7 0.93 -61.81 0.04
CA GLN B 7 0.63 -60.40 0.29
C GLN B 7 1.07 -59.57 -0.91
N LEU B 8 2.08 -60.05 -1.61
CA LEU B 8 2.68 -59.29 -2.70
C LEU B 8 2.03 -59.63 -4.06
N LEU B 9 0.93 -60.36 -4.02
CA LEU B 9 0.21 -60.74 -5.23
C LEU B 9 -1.18 -60.16 -5.29
N VAL B 10 -1.47 -59.40 -6.34
CA VAL B 10 -2.78 -58.78 -6.50
C VAL B 10 -3.33 -59.00 -7.89
N ARG B 11 -4.64 -59.22 -7.99
CA ARG B 11 -5.30 -59.26 -9.28
C ARG B 11 -6.12 -57.99 -9.47
N VAL B 12 -5.75 -57.22 -10.50
CA VAL B 12 -6.51 -56.06 -10.90
C VAL B 12 -7.21 -56.38 -12.22
N ARG B 13 -8.09 -55.51 -12.68
CA ARG B 13 -8.86 -55.77 -13.90
C ARG B 13 -8.04 -56.20 -15.13
N GLY B 14 -6.79 -55.75 -15.21
CA GLY B 14 -5.98 -56.02 -16.38
C GLY B 14 -5.15 -57.29 -16.31
N GLY B 15 -5.02 -57.85 -15.11
CA GLY B 15 -4.23 -59.06 -14.93
C GLY B 15 -3.62 -59.14 -13.54
N GLN B 16 -2.58 -59.96 -13.38
CA GLN B 16 -1.94 -60.10 -12.08
C GLN B 16 -0.65 -59.29 -11.90
N LEU B 17 -0.41 -58.88 -10.66
CA LEU B 17 0.75 -58.07 -10.32
C LEU B 17 1.53 -58.73 -9.20
N ARG B 18 2.84 -58.56 -9.24
CA ARG B 18 3.69 -58.92 -8.10
C ARG B 18 4.33 -57.64 -7.59
N GLY B 19 4.11 -57.34 -6.31
CA GLY B 19 4.75 -56.19 -5.69
C GLY B 19 6.01 -56.60 -4.98
N ILE B 20 6.52 -55.70 -4.15
CA ILE B 20 7.77 -55.96 -3.43
C ILE B 20 7.61 -55.53 -1.97
N ARG B 21 8.22 -56.28 -1.06
CA ARG B 21 8.17 -55.92 0.34
C ARG B 21 9.31 -54.96 0.64
N LEU B 22 8.96 -53.74 1.04
CA LEU B 22 9.96 -52.73 1.34
C LEU B 22 10.11 -52.53 2.84
N LYS B 23 11.28 -52.07 3.26
CA LYS B 23 11.51 -51.79 4.67
C LYS B 23 11.32 -50.31 5.00
N ALA B 24 10.46 -50.04 5.98
CA ALA B 24 10.34 -48.71 6.60
C ALA B 24 10.89 -48.82 8.02
N PRO B 25 11.34 -47.69 8.62
CA PRO B 25 12.02 -47.73 9.92
C PRO B 25 11.24 -48.47 11.01
N GLY B 26 9.92 -48.44 10.94
CA GLY B 26 9.10 -49.10 11.95
C GLY B 26 8.33 -50.32 11.50
N GLY B 27 8.71 -50.90 10.36
CA GLY B 27 8.03 -52.07 9.84
C GLY B 27 8.07 -52.18 8.33
N PRO B 28 7.53 -53.29 7.77
CA PRO B 28 7.50 -53.44 6.31
C PRO B 28 6.30 -52.76 5.65
N VAL B 29 6.43 -52.45 4.35
CA VAL B 29 5.31 -52.01 3.54
C VAL B 29 5.23 -52.83 2.27
N SER B 30 4.06 -52.89 1.66
CA SER B 30 3.91 -53.50 0.35
C SER B 30 3.98 -52.40 -0.70
N ALA B 31 4.88 -52.55 -1.67
CA ALA B 31 4.93 -51.60 -2.78
C ALA B 31 4.68 -52.27 -4.13
N PHE B 32 3.88 -51.62 -4.96
CA PHE B 32 3.59 -52.06 -6.30
C PHE B 32 3.92 -50.90 -7.22
N LEU B 33 5.09 -50.97 -7.83
CA LEU B 33 5.64 -49.85 -8.57
C LEU B 33 5.66 -50.13 -10.07
N GLY B 34 5.34 -49.11 -10.88
CA GLY B 34 5.39 -49.26 -12.32
C GLY B 34 4.19 -49.94 -12.96
N ILE B 35 3.02 -49.83 -12.35
CA ILE B 35 1.79 -50.41 -12.91
C ILE B 35 1.26 -49.55 -14.07
N PRO B 36 1.08 -50.15 -15.26
CA PRO B 36 0.60 -49.41 -16.43
C PRO B 36 -0.89 -49.09 -16.30
N PHE B 37 -1.28 -47.83 -16.50
CA PHE B 37 -2.70 -47.48 -16.51
C PHE B 37 -3.19 -47.05 -17.90
N ALA B 38 -2.27 -47.01 -18.85
CA ALA B 38 -2.59 -46.59 -20.21
C ALA B 38 -1.72 -47.29 -21.25
N GLU B 39 -2.24 -47.38 -22.48
CA GLU B 39 -1.40 -47.73 -23.62
C GLU B 39 -0.33 -46.66 -23.75
N PRO B 40 0.93 -47.08 -24.00
CA PRO B 40 2.03 -46.14 -24.22
C PRO B 40 1.67 -45.11 -25.29
N PRO B 41 1.74 -43.81 -24.92
CA PRO B 41 1.34 -42.70 -25.80
C PRO B 41 2.47 -42.34 -26.77
N VAL B 42 2.87 -43.31 -27.59
CA VAL B 42 4.02 -43.15 -28.47
C VAL B 42 3.65 -43.19 -29.97
N GLY B 43 4.60 -42.82 -30.82
CA GLY B 43 4.33 -42.75 -32.25
C GLY B 43 3.18 -41.81 -32.57
N SER B 44 2.09 -42.36 -33.08
CA SER B 44 0.95 -41.55 -33.51
C SER B 44 0.02 -41.23 -32.34
N ARG B 45 0.34 -41.76 -31.16
CA ARG B 45 -0.42 -41.36 -29.96
C ARG B 45 0.17 -40.12 -29.28
N ARG B 46 1.25 -39.58 -29.83
CA ARG B 46 1.83 -38.36 -29.29
C ARG B 46 0.81 -37.23 -29.40
N PHE B 47 0.69 -36.43 -28.32
CA PHE B 47 -0.26 -35.31 -28.24
C PHE B 47 -1.73 -35.73 -28.08
N MET B 48 -2.01 -37.03 -28.12
CA MET B 48 -3.38 -37.54 -28.08
C MET B 48 -3.78 -37.92 -26.65
N PRO B 49 -5.10 -37.96 -26.37
CA PRO B 49 -5.59 -38.39 -25.05
C PRO B 49 -5.17 -39.83 -24.77
N PRO B 50 -5.01 -40.21 -23.50
CA PRO B 50 -4.54 -41.57 -23.21
C PRO B 50 -5.66 -42.60 -23.42
N GLU B 51 -5.30 -43.86 -23.67
CA GLU B 51 -6.27 -44.93 -23.80
C GLU B 51 -5.98 -45.97 -22.72
N PRO B 52 -7.02 -46.60 -22.20
CA PRO B 52 -6.86 -47.60 -21.12
C PRO B 52 -5.93 -48.74 -21.50
N LYS B 53 -5.09 -49.16 -20.57
CA LYS B 53 -4.12 -50.23 -20.81
C LYS B 53 -4.79 -51.55 -21.18
N ARG B 54 -4.30 -52.22 -22.22
CA ARG B 54 -4.83 -53.54 -22.56
C ARG B 54 -4.42 -54.57 -21.52
N PRO B 55 -5.31 -55.53 -21.23
CA PRO B 55 -5.02 -56.65 -20.33
C PRO B 55 -3.71 -57.36 -20.67
N TRP B 56 -3.08 -58.00 -19.68
CA TRP B 56 -1.84 -58.72 -19.90
C TRP B 56 -1.90 -60.17 -19.39
N SER B 57 -0.99 -61.01 -19.89
CA SER B 57 -0.92 -62.41 -19.47
C SER B 57 0.08 -62.60 -18.34
N GLY B 58 -0.09 -63.69 -17.58
CA GLY B 58 0.86 -64.02 -16.53
C GLY B 58 0.89 -63.05 -15.36
N VAL B 59 2.05 -62.93 -14.73
CA VAL B 59 2.22 -62.01 -13.61
C VAL B 59 3.17 -60.86 -13.95
N LEU B 60 2.63 -59.64 -14.01
CA LEU B 60 3.41 -58.45 -14.33
C LEU B 60 4.29 -58.01 -13.15
N ASP B 61 5.56 -57.76 -13.43
CA ASP B 61 6.52 -57.38 -12.41
C ASP B 61 6.30 -55.93 -11.96
N ALA B 62 5.87 -55.73 -10.72
CA ALA B 62 5.60 -54.38 -10.21
C ALA B 62 6.50 -54.05 -9.02
N THR B 63 7.80 -54.29 -9.19
CA THR B 63 8.77 -54.18 -8.10
C THR B 63 9.77 -53.03 -8.30
N THR B 64 9.71 -52.36 -9.45
CA THR B 64 10.61 -51.24 -9.75
C THR B 64 9.86 -50.06 -10.35
N PHE B 65 10.40 -48.87 -10.15
CA PHE B 65 9.84 -47.68 -10.78
C PHE B 65 10.03 -47.77 -12.28
N GLN B 66 9.02 -47.36 -13.02
CA GLN B 66 9.12 -47.29 -14.47
C GLN B 66 9.80 -45.99 -14.90
N ASN B 67 9.90 -45.80 -16.22
CA ASN B 67 10.55 -44.62 -16.77
C ASN B 67 9.85 -43.28 -16.44
N VAL B 68 10.61 -42.20 -16.48
CA VAL B 68 10.12 -40.84 -16.26
C VAL B 68 9.70 -40.26 -17.60
N CYS B 69 8.57 -39.55 -17.64
CA CYS B 69 8.07 -38.93 -18.87
C CYS B 69 9.10 -37.99 -19.48
N TYR B 70 9.19 -37.96 -20.82
CA TYR B 70 10.23 -37.15 -21.46
C TYR B 70 10.10 -35.67 -21.10
N GLN B 71 11.21 -35.07 -20.68
CA GLN B 71 11.20 -33.72 -20.12
C GLN B 71 12.57 -33.06 -20.12
N TYR B 72 12.58 -31.73 -20.03
CA TYR B 72 13.81 -30.96 -19.84
C TYR B 72 14.48 -31.35 -18.52
N VAL B 73 15.81 -31.45 -18.55
CA VAL B 73 16.60 -31.76 -17.35
C VAL B 73 17.46 -30.56 -16.94
N ASP B 74 17.39 -30.17 -15.67
CA ASP B 74 18.05 -28.94 -15.21
C ASP B 74 19.58 -29.03 -15.11
N THR B 75 20.26 -27.98 -15.57
CA THR B 75 21.71 -27.94 -15.68
C THR B 75 22.36 -26.74 -14.98
N LEU B 76 21.54 -25.91 -14.32
CA LEU B 76 22.04 -24.66 -13.73
C LEU B 76 23.14 -24.91 -12.69
N TYR B 77 22.94 -25.87 -11.82
CA TYR B 77 23.94 -26.23 -10.82
C TYR B 77 24.22 -27.73 -10.85
N PRO B 78 25.06 -28.17 -11.80
CA PRO B 78 25.33 -29.60 -12.02
C PRO B 78 25.90 -30.29 -10.77
N GLY B 79 25.28 -31.39 -10.36
CA GLY B 79 25.75 -32.13 -9.20
C GLY B 79 25.31 -31.59 -7.84
N PHE B 80 24.65 -30.42 -7.84
CA PHE B 80 24.16 -29.82 -6.60
C PHE B 80 22.88 -30.52 -6.14
N GLU B 81 22.91 -31.00 -4.89
CA GLU B 81 21.81 -31.74 -4.30
C GLU B 81 20.44 -31.04 -4.35
N GLY B 82 20.41 -29.74 -4.09
CA GLY B 82 19.18 -28.99 -4.04
C GLY B 82 18.43 -28.84 -5.35
N THR B 83 19.12 -29.06 -6.47
CA THR B 83 18.48 -29.04 -7.80
C THR B 83 18.25 -30.45 -8.33
N GLU B 84 19.20 -31.34 -8.04
CA GLU B 84 19.20 -32.70 -8.58
C GLU B 84 18.10 -33.55 -7.95
N MET B 85 17.69 -33.17 -6.74
CA MET B 85 16.63 -33.89 -6.03
C MET B 85 15.31 -33.82 -6.80
N TRP B 86 15.22 -32.90 -7.75
CA TRP B 86 14.03 -32.78 -8.60
C TRP B 86 14.24 -33.38 -10.00
N ASN B 87 15.49 -33.66 -10.36
CA ASN B 87 15.80 -34.22 -11.67
C ASN B 87 15.39 -35.71 -11.78
N PRO B 88 15.02 -36.15 -13.00
CA PRO B 88 14.59 -37.54 -13.23
C PRO B 88 15.59 -38.53 -12.63
N ASN B 89 15.09 -39.51 -11.87
CA ASN B 89 15.97 -40.51 -11.26
C ASN B 89 15.81 -41.87 -11.90
N ARG B 90 15.18 -41.87 -13.08
CA ARG B 90 15.07 -43.06 -13.94
C ARG B 90 15.24 -42.62 -15.39
N GLU B 91 15.24 -43.58 -16.31
CA GLU B 91 15.43 -43.28 -17.73
C GLU B 91 14.26 -42.51 -18.32
N LEU B 92 14.58 -41.58 -19.23
CA LEU B 92 13.54 -40.80 -19.91
C LEU B 92 12.89 -41.64 -21.03
N SER B 93 11.58 -41.51 -21.18
CA SER B 93 10.84 -42.17 -22.25
C SER B 93 9.44 -41.57 -22.41
N GLU B 94 8.93 -41.54 -23.65
CA GLU B 94 7.53 -41.19 -23.87
C GLU B 94 6.60 -42.31 -23.41
N ASP B 95 7.18 -43.51 -23.27
CA ASP B 95 6.47 -44.63 -22.67
C ASP B 95 6.61 -44.51 -21.16
N CYS B 96 5.72 -43.77 -20.53
CA CYS B 96 5.91 -43.42 -19.12
C CYS B 96 4.63 -43.39 -18.30
N LEU B 97 3.53 -43.89 -18.85
CA LEU B 97 2.25 -43.82 -18.15
C LEU B 97 2.04 -45.00 -17.19
N TYR B 98 2.69 -44.90 -16.04
CA TYR B 98 2.62 -45.94 -15.00
C TYR B 98 2.32 -45.28 -13.66
N LEU B 99 1.74 -46.04 -12.73
CA LEU B 99 1.48 -45.51 -11.40
C LEU B 99 2.07 -46.40 -10.31
N ASN B 100 2.13 -45.87 -9.09
CA ASN B 100 2.73 -46.55 -7.95
C ASN B 100 1.74 -46.61 -6.78
N VAL B 101 1.79 -47.71 -6.02
CA VAL B 101 0.89 -47.89 -4.89
C VAL B 101 1.68 -48.42 -3.69
N TRP B 102 1.60 -47.71 -2.56
CA TRP B 102 2.11 -48.23 -1.30
C TRP B 102 0.93 -48.52 -0.39
N THR B 103 1.01 -49.63 0.35
CA THR B 103 0.01 -50.01 1.34
C THR B 103 0.78 -50.60 2.52
N PRO B 104 0.14 -50.66 3.70
CA PRO B 104 0.82 -51.37 4.79
C PRO B 104 0.97 -52.87 4.51
N TYR B 105 1.92 -53.49 5.21
CA TYR B 105 2.15 -54.93 5.17
C TYR B 105 1.85 -55.47 6.56
N PRO B 106 0.90 -56.41 6.66
CA PRO B 106 0.10 -56.97 5.55
C PRO B 106 -0.96 -55.97 5.10
N ARG B 107 -1.55 -56.21 3.93
CA ARG B 107 -2.57 -55.32 3.38
C ARG B 107 -3.72 -55.11 4.36
N PRO B 108 -4.25 -53.88 4.40
CA PRO B 108 -5.31 -53.48 5.35
C PRO B 108 -6.45 -54.50 5.49
N ALA B 109 -6.91 -54.70 6.72
CA ALA B 109 -8.06 -55.55 6.99
C ALA B 109 -9.36 -54.86 6.57
N SER B 110 -9.43 -53.56 6.83
CA SER B 110 -10.58 -52.74 6.47
C SER B 110 -10.26 -51.86 5.27
N PRO B 111 -11.30 -51.46 4.51
CA PRO B 111 -11.12 -50.49 3.42
C PRO B 111 -10.51 -49.19 3.94
N THR B 112 -9.37 -48.80 3.37
CA THR B 112 -8.56 -47.72 3.93
C THR B 112 -8.55 -46.49 3.01
N PRO B 113 -8.71 -45.29 3.59
CA PRO B 113 -8.65 -44.03 2.84
C PRO B 113 -7.43 -43.95 1.93
N VAL B 114 -7.63 -43.40 0.74
CA VAL B 114 -6.57 -43.33 -0.27
C VAL B 114 -6.07 -41.90 -0.45
N LEU B 115 -4.76 -41.73 -0.43
CA LEU B 115 -4.13 -40.47 -0.81
C LEU B 115 -3.53 -40.61 -2.21
N ILE B 116 -3.86 -39.69 -3.10
CA ILE B 116 -3.27 -39.67 -4.43
C ILE B 116 -2.39 -38.45 -4.64
N TRP B 117 -1.09 -38.68 -4.81
CA TRP B 117 -0.13 -37.61 -5.04
C TRP B 117 0.03 -37.25 -6.52
N ILE B 118 -0.10 -35.97 -6.83
CA ILE B 118 0.16 -35.46 -8.17
C ILE B 118 1.37 -34.52 -8.10
N TYR B 119 2.51 -34.97 -8.60
CA TYR B 119 3.74 -34.18 -8.51
C TYR B 119 3.67 -32.83 -9.22
N GLY B 120 4.53 -31.90 -8.82
CA GLY B 120 4.65 -30.62 -9.48
C GLY B 120 5.82 -30.61 -10.44
N GLY B 121 6.29 -29.42 -10.82
CA GLY B 121 7.32 -29.28 -11.83
C GLY B 121 6.97 -28.40 -13.03
N GLY B 122 6.07 -27.43 -12.80
CA GLY B 122 5.72 -26.44 -13.81
C GLY B 122 5.07 -26.95 -15.09
N PHE B 123 4.45 -28.13 -15.01
CA PHE B 123 3.86 -28.79 -16.18
C PHE B 123 4.91 -29.10 -17.26
N TYR B 124 6.21 -28.96 -16.94
CA TYR B 124 7.29 -29.29 -17.90
C TYR B 124 8.26 -30.37 -17.38
N SER B 125 8.06 -30.79 -16.14
CA SER B 125 8.98 -31.73 -15.50
C SER B 125 8.33 -32.45 -14.33
N GLY B 126 9.04 -33.41 -13.75
CA GLY B 126 8.57 -34.10 -12.58
C GLY B 126 8.43 -35.60 -12.80
N ALA B 127 8.39 -36.35 -11.70
CA ALA B 127 8.18 -37.80 -11.74
C ALA B 127 7.78 -38.33 -10.37
N ALA B 128 7.01 -39.41 -10.37
CA ALA B 128 6.49 -39.96 -9.13
C ALA B 128 7.53 -40.83 -8.44
N SER B 129 8.70 -40.96 -9.06
CA SER B 129 9.74 -41.82 -8.51
C SER B 129 10.77 -41.09 -7.64
N LEU B 130 10.68 -39.77 -7.55
CA LEU B 130 11.62 -39.02 -6.72
C LEU B 130 11.60 -39.50 -5.27
N ASP B 131 12.76 -39.44 -4.62
CA ASP B 131 12.86 -39.82 -3.20
C ASP B 131 11.93 -39.03 -2.28
N VAL B 132 11.67 -37.75 -2.59
CA VAL B 132 10.82 -36.93 -1.73
C VAL B 132 9.35 -37.29 -1.79
N TYR B 133 8.99 -38.15 -2.74
CA TYR B 133 7.62 -38.62 -2.87
C TYR B 133 7.46 -40.05 -2.42
N ASP B 134 8.45 -40.57 -1.70
CA ASP B 134 8.40 -41.93 -1.15
C ASP B 134 7.19 -42.11 -0.23
N GLY B 135 6.27 -42.99 -0.63
CA GLY B 135 5.02 -43.18 0.09
C GLY B 135 5.07 -44.18 1.24
N ARG B 136 6.24 -44.77 1.49
CA ARG B 136 6.32 -45.83 2.49
C ARG B 136 6.04 -45.34 3.91
N PHE B 137 6.40 -44.09 4.22
CA PHE B 137 6.27 -43.62 5.58
C PHE B 137 4.82 -43.41 5.96
N LEU B 138 4.07 -42.74 5.09
CA LEU B 138 2.64 -42.54 5.30
C LEU B 138 1.92 -43.88 5.38
N ALA B 139 2.36 -44.86 4.59
CA ALA B 139 1.75 -46.18 4.61
C ALA B 139 2.05 -46.92 5.90
N GLN B 140 3.31 -46.85 6.35
CA GLN B 140 3.71 -47.59 7.54
C GLN B 140 3.19 -46.96 8.82
N VAL B 141 3.36 -45.65 8.96
CA VAL B 141 3.03 -44.96 10.19
C VAL B 141 1.53 -44.67 10.33
N GLU B 142 0.92 -44.18 9.26
CA GLU B 142 -0.50 -43.85 9.29
C GLU B 142 -1.41 -44.91 8.65
N GLY B 143 -0.84 -46.02 8.21
CA GLY B 143 -1.63 -47.09 7.63
C GLY B 143 -2.44 -46.68 6.41
N ALA B 144 -1.91 -45.71 5.65
CA ALA B 144 -2.61 -45.20 4.48
C ALA B 144 -2.31 -45.99 3.22
N VAL B 145 -3.26 -46.03 2.29
CA VAL B 145 -2.96 -46.47 0.94
C VAL B 145 -2.57 -45.24 0.12
N LEU B 146 -1.35 -45.24 -0.40
CA LEU B 146 -0.86 -44.10 -1.17
C LEU B 146 -0.65 -44.45 -2.63
N VAL B 147 -1.14 -43.57 -3.51
CA VAL B 147 -1.00 -43.74 -4.95
C VAL B 147 -0.31 -42.53 -5.58
N SER B 148 0.59 -42.77 -6.53
CA SER B 148 1.16 -41.69 -7.35
C SER B 148 1.32 -42.16 -8.79
N MET B 149 0.95 -41.29 -9.73
CA MET B 149 1.06 -41.60 -11.16
C MET B 149 2.08 -40.70 -11.87
N ASN B 150 2.56 -41.16 -13.01
CA ASN B 150 3.30 -40.28 -13.91
C ASN B 150 2.29 -39.70 -14.90
N TYR B 151 2.50 -38.47 -15.34
CA TYR B 151 1.66 -37.89 -16.38
C TYR B 151 2.53 -37.11 -17.35
N ARG B 152 2.12 -37.01 -18.60
CA ARG B 152 2.94 -36.35 -19.61
C ARG B 152 3.12 -34.86 -19.31
N VAL B 153 4.33 -34.37 -19.53
CA VAL B 153 4.67 -32.97 -19.26
C VAL B 153 5.21 -32.30 -20.53
N GLY B 154 5.36 -30.97 -20.49
CA GLY B 154 5.90 -30.25 -21.63
C GLY B 154 5.02 -30.40 -22.88
N THR B 155 5.65 -30.32 -24.05
CA THR B 155 4.94 -30.49 -25.32
C THR B 155 4.13 -31.80 -25.36
N PHE B 156 4.72 -32.87 -24.85
CA PHE B 156 4.06 -34.18 -24.89
C PHE B 156 2.75 -34.20 -24.14
N GLY B 157 2.65 -33.42 -23.06
CA GLY B 157 1.44 -33.37 -22.27
C GLY B 157 0.51 -32.20 -22.55
N PHE B 158 1.05 -31.10 -23.08
CA PHE B 158 0.27 -29.85 -23.14
C PHE B 158 0.36 -29.03 -24.41
N LEU B 159 1.14 -29.49 -25.40
CA LEU B 159 1.09 -28.86 -26.71
C LEU B 159 -0.33 -28.98 -27.28
N ALA B 160 -0.88 -27.86 -27.74
CA ALA B 160 -2.28 -27.82 -28.16
C ALA B 160 -2.50 -27.00 -29.41
N LEU B 161 -3.29 -27.56 -30.31
CA LEU B 161 -3.87 -26.79 -31.39
C LEU B 161 -5.37 -26.88 -31.19
N PRO B 162 -5.90 -25.97 -30.35
CA PRO B 162 -7.29 -26.00 -29.89
C PRO B 162 -8.27 -26.15 -31.04
N GLY B 163 -9.14 -27.15 -30.94
CA GLY B 163 -10.07 -27.46 -32.01
C GLY B 163 -9.64 -28.63 -32.86
N SER B 164 -8.33 -28.90 -32.90
CA SER B 164 -7.83 -30.01 -33.72
C SER B 164 -8.18 -31.34 -33.10
N ARG B 165 -8.14 -32.38 -33.91
CA ARG B 165 -8.42 -33.72 -33.45
C ARG B 165 -7.14 -34.33 -32.86
N GLU B 166 -5.99 -33.89 -33.37
CA GLU B 166 -4.73 -34.56 -33.07
C GLU B 166 -3.84 -33.91 -32.01
N ALA B 167 -4.26 -32.75 -31.51
CA ALA B 167 -3.62 -32.11 -30.35
C ALA B 167 -4.63 -31.18 -29.69
N PRO B 168 -5.59 -31.75 -28.96
CA PRO B 168 -6.67 -30.93 -28.39
C PRO B 168 -6.32 -30.25 -27.08
N GLY B 169 -5.07 -30.46 -26.60
CA GLY B 169 -4.61 -29.90 -25.34
C GLY B 169 -5.00 -30.72 -24.11
N ASN B 170 -4.32 -30.45 -23.00
CA ASN B 170 -4.66 -31.00 -21.70
C ASN B 170 -4.53 -32.53 -21.55
N VAL B 171 -3.82 -33.18 -22.47
CA VAL B 171 -3.73 -34.65 -22.40
C VAL B 171 -3.03 -35.11 -21.13
N GLY B 172 -2.09 -34.30 -20.63
CA GLY B 172 -1.42 -34.64 -19.38
C GLY B 172 -2.39 -34.66 -18.22
N LEU B 173 -3.39 -33.77 -18.25
CA LEU B 173 -4.43 -33.78 -17.23
C LEU B 173 -5.31 -35.03 -17.42
N LEU B 174 -5.67 -35.34 -18.67
CA LEU B 174 -6.37 -36.60 -18.97
C LEU B 174 -5.60 -37.84 -18.50
N ASP B 175 -4.27 -37.79 -18.51
CA ASP B 175 -3.49 -38.90 -17.96
C ASP B 175 -3.82 -39.08 -16.49
N GLN B 176 -3.73 -37.98 -15.74
CA GLN B 176 -4.12 -37.95 -14.34
C GLN B 176 -5.53 -38.54 -14.14
N ARG B 177 -6.50 -38.06 -14.92
CA ARG B 177 -7.88 -38.51 -14.80
C ARG B 177 -8.00 -40.03 -15.04
N LEU B 178 -7.23 -40.57 -15.99
CA LEU B 178 -7.28 -42.01 -16.22
C LEU B 178 -6.73 -42.76 -15.01
N ALA B 179 -5.66 -42.25 -14.43
CA ALA B 179 -5.07 -42.85 -13.22
C ALA B 179 -6.08 -42.88 -12.07
N LEU B 180 -6.80 -41.77 -11.92
CA LEU B 180 -7.90 -41.66 -10.96
C LEU B 180 -9.00 -42.70 -11.20
N GLN B 181 -9.40 -42.88 -12.47
CA GLN B 181 -10.37 -43.91 -12.83
CA GLN B 181 -10.40 -43.91 -12.81
C GLN B 181 -9.84 -45.30 -12.48
N TRP B 182 -8.53 -45.47 -12.67
CA TRP B 182 -7.90 -46.72 -12.36
C TRP B 182 -8.03 -47.03 -10.86
N VAL B 183 -7.78 -46.02 -10.03
CA VAL B 183 -7.94 -46.15 -8.59
C VAL B 183 -9.36 -46.58 -8.20
N GLN B 184 -10.37 -45.93 -8.79
CA GLN B 184 -11.77 -46.30 -8.57
C GLN B 184 -12.02 -47.78 -8.85
N GLU B 185 -11.43 -48.26 -9.93
CA GLU B 185 -11.73 -49.62 -10.42
C GLU B 185 -10.92 -50.70 -9.72
N ASN B 186 -9.77 -50.33 -9.16
CA ASN B 186 -8.80 -51.33 -8.74
C ASN B 186 -8.28 -51.24 -7.31
N ILE B 187 -8.45 -50.09 -6.67
CA ILE B 187 -7.82 -49.85 -5.38
C ILE B 187 -8.36 -50.76 -4.27
N ALA B 188 -9.62 -51.16 -4.36
CA ALA B 188 -10.19 -52.06 -3.37
C ALA B 188 -9.40 -53.38 -3.27
N ALA B 189 -8.78 -53.80 -4.37
CA ALA B 189 -7.97 -55.02 -4.35
C ALA B 189 -6.71 -54.87 -3.52
N PHE B 190 -6.33 -53.63 -3.23
CA PHE B 190 -5.15 -53.37 -2.43
C PHE B 190 -5.53 -53.09 -0.98
N GLY B 191 -6.84 -53.01 -0.72
CA GLY B 191 -7.33 -52.62 0.59
C GLY B 191 -7.79 -51.17 0.66
N GLY B 192 -7.67 -50.45 -0.46
CA GLY B 192 -8.13 -49.08 -0.52
C GLY B 192 -9.64 -48.93 -0.56
N ASP B 193 -10.14 -47.81 -0.05
CA ASP B 193 -11.56 -47.46 -0.10
C ASP B 193 -11.75 -46.43 -1.23
N PRO B 194 -12.38 -46.86 -2.34
CA PRO B 194 -12.57 -45.92 -3.45
C PRO B 194 -13.61 -44.84 -3.15
N MET B 195 -14.32 -45.01 -2.03
CA MET B 195 -15.27 -43.99 -1.60
C MET B 195 -14.67 -42.96 -0.64
N SER B 196 -13.37 -43.08 -0.38
CA SER B 196 -12.62 -42.06 0.35
C SER B 196 -11.26 -41.78 -0.33
N VAL B 197 -11.27 -40.91 -1.33
CA VAL B 197 -10.07 -40.59 -2.08
C VAL B 197 -9.71 -39.11 -1.96
N THR B 198 -8.51 -38.85 -1.45
CA THR B 198 -8.04 -37.47 -1.31
C THR B 198 -6.90 -37.19 -2.28
N LEU B 199 -7.04 -36.17 -3.12
CA LEU B 199 -5.94 -35.72 -3.96
C LEU B 199 -5.06 -34.73 -3.17
N PHE B 200 -3.75 -34.90 -3.25
CA PHE B 200 -2.85 -33.83 -2.82
C PHE B 200 -1.71 -33.64 -3.81
N GLY B 201 -1.27 -32.40 -3.95
CA GLY B 201 -0.22 -32.06 -4.90
C GLY B 201 0.46 -30.75 -4.56
N GLU B 202 1.58 -30.47 -5.20
CA GLU B 202 2.36 -29.27 -4.91
C GLU B 202 2.70 -28.54 -6.20
N SER B 203 2.72 -27.20 -6.14
CA SER B 203 2.99 -26.36 -7.31
C SER B 203 2.07 -26.70 -8.48
N ALA B 204 2.63 -27.09 -9.63
CA ALA B 204 1.80 -27.53 -10.77
C ALA B 204 0.88 -28.69 -10.42
N GLY B 205 1.29 -29.50 -9.44
CA GLY B 205 0.47 -30.59 -8.96
C GLY B 205 -0.77 -30.08 -8.23
N ALA B 206 -0.59 -29.07 -7.39
CA ALA B 206 -1.70 -28.41 -6.70
C ALA B 206 -2.66 -27.80 -7.72
N ALA B 207 -2.12 -27.15 -8.74
CA ALA B 207 -2.94 -26.56 -9.80
C ALA B 207 -3.70 -27.64 -10.57
N SER B 208 -3.09 -28.82 -10.73
CA SER B 208 -3.78 -29.94 -11.38
C SER B 208 -4.95 -30.39 -10.53
N VAL B 209 -4.70 -30.54 -9.23
CA VAL B 209 -5.76 -30.85 -8.27
C VAL B 209 -6.90 -29.84 -8.41
N GLY B 210 -6.56 -28.55 -8.41
CA GLY B 210 -7.54 -27.51 -8.64
C GLY B 210 -8.34 -27.66 -9.93
N MET B 211 -7.69 -28.10 -10.99
CA MET B 211 -8.41 -28.24 -12.25
C MET B 211 -9.33 -29.45 -12.26
N HIS B 212 -8.99 -30.49 -11.48
CA HIS B 212 -9.92 -31.61 -11.30
C HIS B 212 -11.16 -31.17 -10.52
N ILE B 213 -10.98 -30.33 -9.51
CA ILE B 213 -12.09 -29.70 -8.80
C ILE B 213 -13.01 -28.97 -9.76
N LEU B 214 -12.43 -28.30 -10.74
CA LEU B 214 -13.16 -27.43 -11.65
C LEU B 214 -13.65 -28.14 -12.93
N SER B 215 -13.35 -29.43 -13.07
CA SER B 215 -13.76 -30.16 -14.28
C SER B 215 -14.69 -31.35 -13.96
N LEU B 216 -15.94 -31.25 -14.39
CA LEU B 216 -16.98 -32.20 -13.97
C LEU B 216 -16.67 -33.69 -14.08
N PRO B 217 -16.07 -34.14 -15.20
CA PRO B 217 -15.85 -35.60 -15.24
C PRO B 217 -14.87 -36.12 -14.17
N SER B 218 -14.07 -35.24 -13.56
CA SER B 218 -13.17 -35.67 -12.49
C SER B 218 -13.86 -35.80 -11.14
N ARG B 219 -15.01 -35.16 -11.00
CA ARG B 219 -15.67 -35.03 -9.69
C ARG B 219 -16.13 -36.32 -9.04
N SER B 220 -16.42 -37.34 -9.85
CA SER B 220 -16.84 -38.61 -9.27
C SER B 220 -15.64 -39.48 -8.91
N LEU B 221 -14.43 -38.94 -9.04
CA LEU B 221 -13.22 -39.74 -8.83
C LEU B 221 -12.48 -39.42 -7.53
N PHE B 222 -12.92 -38.38 -6.83
CA PHE B 222 -12.33 -38.02 -5.53
C PHE B 222 -13.33 -37.28 -4.64
N HIS B 223 -12.96 -37.08 -3.38
CA HIS B 223 -13.89 -36.55 -2.38
C HIS B 223 -13.34 -35.33 -1.65
N ARG B 224 -12.01 -35.26 -1.53
CA ARG B 224 -11.34 -34.12 -0.89
C ARG B 224 -10.05 -33.78 -1.62
N ALA B 225 -9.52 -32.58 -1.36
CA ALA B 225 -8.35 -32.05 -2.07
C ALA B 225 -7.40 -31.26 -1.18
N VAL B 226 -6.10 -31.40 -1.47
CA VAL B 226 -5.07 -30.60 -0.83
C VAL B 226 -4.29 -29.89 -1.93
N LEU B 227 -4.09 -28.57 -1.79
CA LEU B 227 -3.35 -27.81 -2.78
C LEU B 227 -2.20 -27.11 -2.08
N GLN B 228 -1.01 -27.70 -2.22
CA GLN B 228 0.20 -27.13 -1.62
C GLN B 228 0.90 -26.19 -2.60
N SER B 229 0.92 -24.90 -2.27
CA SER B 229 1.68 -23.89 -3.05
C SER B 229 1.37 -23.85 -4.54
N GLY B 230 0.10 -23.93 -4.91
CA GLY B 230 -0.28 -23.88 -6.31
C GLY B 230 -1.79 -23.83 -6.47
N THR B 231 -2.25 -23.24 -7.57
CA THR B 231 -3.68 -23.02 -7.78
C THR B 231 -4.00 -23.09 -9.25
N PRO B 232 -5.25 -23.45 -9.59
CA PRO B 232 -5.61 -23.49 -11.03
C PRO B 232 -5.77 -22.08 -11.55
N ASN B 233 -6.23 -21.17 -10.69
CA ASN B 233 -6.27 -19.76 -11.06
C ASN B 233 -4.88 -19.18 -10.98
N GLY B 234 -4.75 -17.89 -11.29
CA GLY B 234 -3.46 -17.23 -11.24
C GLY B 234 -2.79 -17.14 -12.59
N PRO B 235 -1.59 -16.55 -12.61
CA PRO B 235 -0.91 -16.11 -13.84
C PRO B 235 -0.16 -17.18 -14.66
N TRP B 236 0.24 -18.28 -14.05
CA TRP B 236 1.11 -19.25 -14.75
C TRP B 236 0.48 -20.59 -15.14
N ALA B 237 -0.63 -20.96 -14.51
CA ALA B 237 -1.15 -22.33 -14.59
C ALA B 237 -1.99 -22.65 -15.83
N THR B 238 -2.52 -21.62 -16.48
CA THR B 238 -3.29 -21.83 -17.71
C THR B 238 -2.89 -20.85 -18.80
N VAL B 239 -3.27 -21.18 -20.03
CA VAL B 239 -3.19 -20.27 -21.14
C VAL B 239 -4.48 -20.30 -21.94
N SER B 240 -4.75 -19.22 -22.68
CA SER B 240 -5.91 -19.15 -23.55
C SER B 240 -5.63 -19.97 -24.79
N ALA B 241 -6.69 -20.33 -25.50
CA ALA B 241 -6.59 -21.14 -26.71
C ALA B 241 -5.70 -20.47 -27.76
N GLY B 242 -5.82 -19.14 -27.88
CA GLY B 242 -5.07 -18.38 -28.85
C GLY B 242 -3.58 -18.38 -28.57
N GLU B 243 -3.21 -18.23 -27.30
CA GLU B 243 -1.81 -18.23 -26.92
C GLU B 243 -1.17 -19.62 -27.01
N ALA B 244 -1.97 -20.66 -26.79
CA ALA B 244 -1.48 -22.03 -26.95
C ALA B 244 -1.24 -22.33 -28.44
N ARG B 245 -2.19 -21.94 -29.27
CA ARG B 245 -2.04 -22.11 -30.70
C ARG B 245 -0.78 -21.42 -31.20
N ARG B 246 -0.54 -20.20 -30.70
CA ARG B 246 0.65 -19.43 -31.07
C ARG B 246 1.93 -20.17 -30.71
N ARG B 247 2.00 -20.66 -29.47
CA ARG B 247 3.20 -21.32 -28.98
C ARG B 247 3.50 -22.61 -29.74
N ALA B 248 2.47 -23.42 -29.98
CA ALA B 248 2.64 -24.67 -30.73
C ALA B 248 3.12 -24.40 -32.16
N THR B 249 2.41 -23.52 -32.86
CA THR B 249 2.79 -23.07 -34.19
C THR B 249 4.24 -22.57 -34.22
N LEU B 250 4.64 -21.78 -33.23
CA LEU B 250 6.01 -21.28 -33.13
C LEU B 250 7.02 -22.41 -32.97
N LEU B 251 6.72 -23.35 -32.07
CA LEU B 251 7.61 -24.47 -31.81
C LEU B 251 7.78 -25.32 -33.05
N ALA B 252 6.68 -25.49 -33.78
CA ALA B 252 6.70 -26.26 -35.02
C ALA B 252 7.65 -25.62 -36.00
N ARG B 253 7.47 -24.32 -36.24
CA ARG B 253 8.33 -23.57 -37.15
C ARG B 253 9.79 -23.72 -36.75
N LEU B 254 10.05 -23.65 -35.44
CA LEU B 254 11.41 -23.77 -34.91
C LEU B 254 12.06 -25.13 -35.21
N VAL B 255 11.27 -26.19 -35.24
CA VAL B 255 11.82 -27.51 -35.52
C VAL B 255 11.71 -27.90 -37.00
N GLY B 256 11.18 -26.98 -37.80
CA GLY B 256 11.08 -27.20 -39.24
C GLY B 256 9.73 -27.65 -39.77
N CYS B 257 8.72 -27.67 -38.91
CA CYS B 257 7.36 -28.04 -39.33
C CYS B 257 6.48 -26.81 -39.47
N PRO B 258 5.81 -26.66 -40.61
CA PRO B 258 5.89 -27.63 -41.69
C PRO B 258 6.95 -27.22 -42.70
N ASN B 265 -2.70 -26.38 -42.37
CA ASN B 265 -3.68 -27.09 -41.56
C ASN B 265 -3.09 -27.81 -40.36
N ASP B 266 -3.88 -27.93 -39.29
CA ASP B 266 -3.42 -28.60 -38.07
C ASP B 266 -2.85 -30.01 -38.31
N THR B 267 -3.58 -30.84 -39.05
CA THR B 267 -3.19 -32.25 -39.31
C THR B 267 -1.78 -32.40 -39.89
N GLU B 268 -1.50 -31.62 -40.91
CA GLU B 268 -0.19 -31.58 -41.56
C GLU B 268 0.91 -31.23 -40.55
N LEU B 269 0.68 -30.16 -39.78
CA LEU B 269 1.65 -29.65 -38.83
C LEU B 269 1.95 -30.64 -37.70
N ILE B 270 0.89 -31.25 -37.16
CA ILE B 270 1.04 -32.21 -36.07
C ILE B 270 1.68 -33.51 -36.55
N ALA B 271 1.44 -33.85 -37.82
CA ALA B 271 2.05 -35.05 -38.39
C ALA B 271 3.57 -34.89 -38.42
N CYS B 272 4.02 -33.72 -38.84
CA CYS B 272 5.46 -33.46 -38.91
C CYS B 272 6.08 -33.41 -37.50
N LEU B 273 5.37 -32.81 -36.55
CA LEU B 273 5.82 -32.83 -35.15
C LEU B 273 5.95 -34.28 -34.62
N ARG B 274 5.07 -35.16 -35.08
CA ARG B 274 5.08 -36.55 -34.63
C ARG B 274 6.31 -37.33 -35.09
N THR B 275 6.97 -36.84 -36.13
CA THR B 275 8.15 -37.51 -36.67
C THR B 275 9.43 -37.02 -36.00
N ARG B 276 9.32 -35.97 -35.19
CA ARG B 276 10.49 -35.41 -34.54
C ARG B 276 10.89 -36.20 -33.28
N PRO B 277 12.19 -36.50 -33.13
CA PRO B 277 12.70 -37.13 -31.91
C PRO B 277 12.40 -36.27 -30.68
N ALA B 278 12.19 -36.92 -29.54
CA ALA B 278 11.73 -36.24 -28.33
C ALA B 278 12.57 -35.02 -27.93
N GLN B 279 13.90 -35.18 -27.91
CA GLN B 279 14.80 -34.13 -27.46
C GLN B 279 14.82 -32.93 -28.40
N ASP B 280 14.42 -33.13 -29.66
CA ASP B 280 14.33 -32.04 -30.61
C ASP B 280 13.24 -31.03 -30.21
N LEU B 281 12.18 -31.54 -29.59
CA LEU B 281 11.10 -30.71 -29.09
C LEU B 281 11.51 -30.00 -27.80
N VAL B 282 12.10 -30.75 -26.88
CA VAL B 282 12.62 -30.21 -25.63
C VAL B 282 13.67 -29.10 -25.87
N ASP B 283 14.49 -29.26 -26.91
CA ASP B 283 15.50 -28.26 -27.25
C ASP B 283 14.93 -26.86 -27.54
N HIS B 284 13.67 -26.79 -27.96
CA HIS B 284 13.06 -25.50 -28.32
C HIS B 284 11.89 -25.08 -27.44
N GLU B 285 11.60 -25.90 -26.44
CA GLU B 285 10.52 -25.69 -25.48
C GLU B 285 10.52 -24.27 -24.91
N TRP B 286 11.68 -23.82 -24.45
CA TRP B 286 11.77 -22.54 -23.75
C TRP B 286 11.79 -21.31 -24.67
N HIS B 287 11.81 -21.53 -25.98
CA HIS B 287 11.97 -20.42 -26.93
C HIS B 287 10.66 -19.78 -27.36
N VAL B 288 9.54 -20.31 -26.85
CA VAL B 288 8.22 -19.84 -27.28
C VAL B 288 7.49 -18.93 -26.28
N LEU B 289 8.11 -18.65 -25.13
CA LEU B 289 7.53 -17.67 -24.20
C LEU B 289 7.58 -16.27 -24.83
N PRO B 290 6.46 -15.54 -24.76
CA PRO B 290 6.37 -14.21 -25.39
C PRO B 290 7.26 -13.16 -24.73
N GLN B 291 7.57 -13.32 -23.43
CA GLN B 291 8.47 -12.38 -22.76
C GLN B 291 9.54 -13.11 -21.96
N GLU B 292 10.67 -12.45 -21.73
CA GLU B 292 11.65 -12.95 -20.77
C GLU B 292 10.99 -12.88 -19.40
N SER B 293 11.10 -13.95 -18.64
CA SER B 293 10.28 -14.11 -17.45
C SER B 293 10.77 -15.23 -16.57
N ILE B 294 10.27 -15.27 -15.33
CA ILE B 294 10.46 -16.41 -14.46
C ILE B 294 9.09 -16.81 -13.96
N PHE B 295 8.98 -18.03 -13.45
CA PHE B 295 7.69 -18.59 -13.06
C PHE B 295 6.68 -18.55 -14.23
N ARG B 296 7.19 -18.75 -15.45
CA ARG B 296 6.33 -18.97 -16.60
C ARG B 296 6.76 -20.23 -17.36
N PHE B 297 5.77 -20.97 -17.84
CA PHE B 297 6.04 -22.26 -18.48
C PHE B 297 5.37 -22.33 -19.84
N SER B 298 6.12 -22.84 -20.82
CA SER B 298 5.69 -22.85 -22.22
C SER B 298 4.43 -23.68 -22.49
N PHE B 299 4.36 -24.87 -21.93
CA PHE B 299 3.20 -25.73 -22.23
C PHE B 299 2.48 -26.22 -20.98
N VAL B 300 1.32 -25.59 -20.75
CA VAL B 300 0.56 -25.76 -19.53
C VAL B 300 -0.88 -25.99 -19.94
N PRO B 301 -1.78 -26.32 -18.99
CA PRO B 301 -3.18 -26.49 -19.37
C PRO B 301 -3.77 -25.30 -20.15
N VAL B 302 -4.69 -25.60 -21.06
CA VAL B 302 -5.27 -24.57 -21.92
C VAL B 302 -6.77 -24.44 -21.65
N VAL B 303 -7.29 -23.22 -21.70
CA VAL B 303 -8.73 -23.03 -21.55
C VAL B 303 -9.39 -23.43 -22.88
N ASP B 304 -9.88 -24.68 -22.92
CA ASP B 304 -10.33 -25.30 -24.17
C ASP B 304 -11.83 -25.28 -24.40
N GLY B 305 -12.58 -24.89 -23.36
CA GLY B 305 -14.02 -24.97 -23.41
C GLY B 305 -14.49 -26.40 -23.17
N ASP B 306 -13.53 -27.30 -22.92
CA ASP B 306 -13.86 -28.70 -22.70
C ASP B 306 -13.48 -29.19 -21.30
N PHE B 307 -12.22 -29.61 -21.12
CA PHE B 307 -11.75 -29.95 -19.78
C PHE B 307 -12.02 -28.77 -18.86
N LEU B 308 -11.69 -27.57 -19.33
CA LEU B 308 -12.04 -26.34 -18.63
C LEU B 308 -13.08 -25.56 -19.44
N SER B 309 -14.31 -25.50 -18.93
CA SER B 309 -15.41 -24.84 -19.64
C SER B 309 -15.24 -23.31 -19.73
N ASP B 310 -14.48 -22.74 -18.79
CA ASP B 310 -14.18 -21.31 -18.80
C ASP B 310 -12.86 -21.15 -18.05
N THR B 311 -12.41 -19.91 -17.84
CA THR B 311 -11.21 -19.67 -17.05
C THR B 311 -11.44 -20.15 -15.62
N PRO B 312 -10.36 -20.63 -14.97
CA PRO B 312 -10.42 -21.00 -13.55
C PRO B 312 -11.05 -19.90 -12.70
N GLU B 313 -10.70 -18.64 -12.96
CA GLU B 313 -11.27 -17.53 -12.22
CA GLU B 313 -11.27 -17.53 -12.23
C GLU B 313 -12.79 -17.52 -12.36
N ALA B 314 -13.28 -17.57 -13.59
CA ALA B 314 -14.72 -17.60 -13.84
C ALA B 314 -15.36 -18.75 -13.07
N LEU B 315 -14.73 -19.92 -13.15
CA LEU B 315 -15.25 -21.15 -12.54
C LEU B 315 -15.22 -21.16 -11.01
N ILE B 316 -14.23 -20.51 -10.38
CA ILE B 316 -14.23 -20.43 -8.92
C ILE B 316 -15.22 -19.37 -8.41
N ASN B 317 -15.62 -18.46 -9.30
CA ASN B 317 -16.53 -17.39 -8.91
C ASN B 317 -17.98 -17.86 -8.87
N THR B 318 -18.30 -18.83 -9.71
CA THR B 318 -19.70 -19.23 -9.91
C THR B 318 -20.02 -20.63 -9.39
N GLY B 319 -19.02 -21.39 -9.00
CA GLY B 319 -19.21 -22.77 -8.59
C GLY B 319 -20.11 -23.01 -7.39
N ASP B 320 -20.45 -24.27 -7.13
CA ASP B 320 -21.11 -24.68 -5.89
C ASP B 320 -20.30 -25.79 -5.22
N PHE B 321 -19.68 -25.46 -4.08
CA PHE B 321 -18.71 -26.35 -3.46
C PHE B 321 -19.11 -26.87 -2.07
N GLN B 322 -20.42 -26.86 -1.79
CA GLN B 322 -20.94 -27.18 -0.45
C GLN B 322 -20.43 -28.48 0.20
N ASP B 323 -20.19 -29.51 -0.60
CA ASP B 323 -19.77 -30.79 -0.03
C ASP B 323 -18.29 -31.12 -0.26
N LEU B 324 -17.52 -30.09 -0.61
CA LEU B 324 -16.08 -30.21 -0.82
C LEU B 324 -15.30 -29.76 0.42
N GLN B 325 -14.18 -30.42 0.69
CA GLN B 325 -13.29 -30.00 1.75
C GLN B 325 -11.91 -29.79 1.16
N VAL B 326 -11.25 -28.69 1.53
CA VAL B 326 -9.97 -28.34 0.95
C VAL B 326 -8.95 -27.91 1.99
N LEU B 327 -7.72 -28.37 1.82
CA LEU B 327 -6.62 -27.91 2.62
C LEU B 327 -5.67 -27.21 1.65
N VAL B 328 -5.35 -25.95 1.91
CA VAL B 328 -4.49 -25.16 1.02
C VAL B 328 -3.46 -24.40 1.82
N GLY B 329 -2.31 -24.14 1.22
CA GLY B 329 -1.28 -23.43 1.95
C GLY B 329 -0.07 -23.05 1.14
N VAL B 330 0.85 -22.34 1.79
CA VAL B 330 2.05 -21.82 1.16
C VAL B 330 3.22 -22.01 2.10
N VAL B 331 4.43 -21.96 1.55
CA VAL B 331 5.64 -21.89 2.36
C VAL B 331 6.02 -20.42 2.59
N LYS B 332 6.98 -20.17 3.48
CA LYS B 332 7.31 -18.81 3.90
C LYS B 332 7.97 -17.97 2.81
N ASP B 333 8.76 -18.59 1.94
CA ASP B 333 9.46 -17.85 0.89
C ASP B 333 9.24 -18.44 -0.50
N GLU B 334 8.02 -18.30 -1.01
CA GLU B 334 7.65 -18.91 -2.29
C GLU B 334 8.51 -18.46 -3.47
N GLY B 335 8.99 -17.21 -3.43
CA GLY B 335 9.61 -16.63 -4.60
C GLY B 335 11.11 -16.85 -4.76
N SER B 336 11.78 -17.19 -3.67
CA SER B 336 13.24 -17.17 -3.64
C SER B 336 13.90 -18.09 -4.66
N TYR B 337 13.33 -19.29 -4.83
CA TYR B 337 13.88 -20.32 -5.73
C TYR B 337 14.01 -19.84 -7.17
N PHE B 338 13.06 -19.01 -7.60
CA PHE B 338 12.95 -18.67 -9.01
C PHE B 338 13.93 -17.58 -9.45
N LEU B 339 14.42 -16.82 -8.49
CA LEU B 339 15.26 -15.65 -8.75
C LEU B 339 16.61 -16.04 -9.34
N VAL B 340 17.15 -17.17 -8.88
CA VAL B 340 18.46 -17.63 -9.33
C VAL B 340 18.43 -18.19 -10.75
N TYR B 341 17.23 -18.28 -11.32
CA TYR B 341 17.05 -18.82 -12.67
C TYR B 341 16.76 -17.73 -13.69
N GLY B 342 17.41 -16.59 -13.55
CA GLY B 342 17.31 -15.57 -14.59
C GLY B 342 17.34 -14.11 -14.18
N VAL B 343 17.17 -13.84 -12.89
CA VAL B 343 17.18 -12.45 -12.42
C VAL B 343 18.60 -12.00 -12.05
N PRO B 344 19.14 -11.05 -12.81
CA PRO B 344 20.51 -10.54 -12.61
C PRO B 344 20.74 -10.05 -11.18
N GLY B 345 21.82 -10.52 -10.56
CA GLY B 345 22.14 -10.16 -9.19
C GLY B 345 21.95 -11.32 -8.23
N PHE B 346 21.16 -12.31 -8.64
CA PHE B 346 20.83 -13.42 -7.75
C PHE B 346 21.63 -14.69 -8.05
N SER B 347 22.06 -15.35 -6.97
CA SER B 347 22.86 -16.57 -7.05
C SER B 347 22.73 -17.33 -5.74
N LYS B 348 22.77 -18.67 -5.82
CA LYS B 348 22.74 -19.49 -4.62
C LYS B 348 24.09 -19.44 -3.90
N ASP B 349 25.08 -18.85 -4.56
CA ASP B 349 26.44 -18.88 -4.05
C ASP B 349 26.93 -17.59 -3.35
N ASN B 350 26.15 -16.52 -3.42
CA ASN B 350 26.40 -15.33 -2.58
C ASN B 350 25.11 -14.81 -1.95
N GLU B 351 25.19 -13.70 -1.22
CA GLU B 351 24.02 -13.21 -0.48
C GLU B 351 23.01 -12.45 -1.35
N SER B 352 23.33 -12.32 -2.64
CA SER B 352 22.42 -11.72 -3.62
C SER B 352 21.86 -10.38 -3.16
N LEU B 353 22.76 -9.47 -2.78
CA LEU B 353 22.34 -8.13 -2.40
C LEU B 353 22.28 -7.31 -3.68
N ILE B 354 21.13 -6.72 -3.94
CA ILE B 354 20.91 -6.06 -5.22
C ILE B 354 20.70 -4.55 -5.11
N SER B 355 20.95 -3.85 -6.22
CA SER B 355 20.73 -2.41 -6.31
C SER B 355 19.25 -2.13 -6.51
N ARG B 356 18.91 -0.86 -6.46
CA ARG B 356 17.56 -0.41 -6.74
C ARG B 356 17.21 -0.66 -8.22
N ALA B 357 18.17 -0.37 -9.09
CA ALA B 357 18.00 -0.54 -10.54
C ALA B 357 17.71 -1.99 -10.90
N GLN B 358 18.47 -2.89 -10.28
CA GLN B 358 18.31 -4.34 -10.50
C GLN B 358 16.95 -4.85 -10.00
N PHE B 359 16.39 -4.14 -9.02
CA PHE B 359 15.09 -4.49 -8.48
C PHE B 359 13.99 -4.08 -9.45
N LEU B 360 14.19 -2.98 -10.16
CA LEU B 360 13.20 -2.52 -11.12
C LEU B 360 13.25 -3.43 -12.35
N ALA B 361 14.46 -3.83 -12.74
CA ALA B 361 14.63 -4.75 -13.86
C ALA B 361 14.05 -6.12 -13.51
N GLY B 362 14.27 -6.54 -12.27
CA GLY B 362 13.78 -7.84 -11.81
C GLY B 362 12.28 -7.93 -11.82
N VAL B 363 11.61 -6.81 -11.57
CA VAL B 363 10.15 -6.75 -11.57
C VAL B 363 9.55 -6.96 -12.97
N ARG B 364 10.17 -6.38 -14.00
CA ARG B 364 9.68 -6.56 -15.36
C ARG B 364 9.74 -8.03 -15.75
N ILE B 365 10.69 -8.77 -15.15
CA ILE B 365 10.89 -10.18 -15.43
C ILE B 365 9.91 -11.03 -14.61
N GLY B 366 9.73 -10.66 -13.34
CA GLY B 366 8.85 -11.38 -12.45
C GLY B 366 7.38 -11.11 -12.71
N VAL B 367 7.09 -10.00 -13.38
CA VAL B 367 5.72 -9.68 -13.76
C VAL B 367 5.69 -9.27 -15.23
N PRO B 368 6.00 -10.22 -16.12
CA PRO B 368 6.30 -9.90 -17.53
C PRO B 368 5.10 -9.40 -18.33
N GLN B 369 3.90 -9.55 -17.78
CA GLN B 369 2.69 -9.05 -18.42
C GLN B 369 2.37 -7.59 -18.04
N ALA B 370 3.17 -7.02 -17.13
CA ALA B 370 2.87 -5.68 -16.62
C ALA B 370 3.27 -4.55 -17.56
N SER B 371 2.36 -3.57 -17.71
CA SER B 371 2.67 -2.29 -18.33
C SER B 371 3.69 -1.55 -17.48
N ASP B 372 4.30 -0.51 -18.05
CA ASP B 372 5.24 0.30 -17.29
C ASP B 372 4.58 0.81 -16.01
N LEU B 373 3.31 1.22 -16.12
CA LEU B 373 2.59 1.77 -14.98
C LEU B 373 2.31 0.71 -13.92
N ALA B 374 1.88 -0.47 -14.37
CA ALA B 374 1.63 -1.60 -13.47
C ALA B 374 2.89 -2.00 -12.72
N ALA B 375 4.02 -2.04 -13.44
CA ALA B 375 5.30 -2.37 -12.83
C ALA B 375 5.74 -1.31 -11.83
N GLU B 376 5.41 -0.05 -12.12
CA GLU B 376 5.70 1.03 -11.19
CA GLU B 376 5.68 1.04 -11.19
C GLU B 376 4.90 0.86 -9.90
N ALA B 377 3.62 0.51 -10.05
CA ALA B 377 2.77 0.25 -8.89
C ALA B 377 3.41 -0.81 -8.01
N VAL B 378 3.90 -1.88 -8.62
CA VAL B 378 4.53 -2.97 -7.88
C VAL B 378 5.74 -2.46 -7.11
N VAL B 379 6.64 -1.79 -7.83
CA VAL B 379 7.85 -1.23 -7.22
C VAL B 379 7.53 -0.32 -6.02
N LEU B 380 6.59 0.59 -6.21
CA LEU B 380 6.21 1.53 -5.16
C LEU B 380 5.56 0.82 -3.96
N HIS B 381 4.82 -0.24 -4.22
CA HIS B 381 4.18 -1.00 -3.14
C HIS B 381 5.20 -1.75 -2.27
N TYR B 382 6.17 -2.38 -2.91
CA TYR B 382 7.11 -3.28 -2.21
C TYR B 382 8.37 -2.61 -1.69
N THR B 383 8.68 -1.44 -2.19
CA THR B 383 9.75 -0.64 -1.63
C THR B 383 9.43 -0.25 -0.19
N ASP B 384 10.38 -0.50 0.71
CA ASP B 384 10.31 0.05 2.07
C ASP B 384 10.86 1.48 2.00
N TRP B 385 9.99 2.47 2.17
CA TRP B 385 10.40 3.87 1.99
C TRP B 385 11.18 4.45 3.16
N LEU B 386 11.33 3.68 4.23
CA LEU B 386 12.23 4.03 5.33
C LEU B 386 13.66 3.69 4.94
N HIS B 387 13.80 2.63 4.15
CA HIS B 387 15.10 2.17 3.64
C HIS B 387 14.98 1.80 2.15
N PRO B 388 14.74 2.78 1.28
CA PRO B 388 14.42 2.50 -0.14
C PRO B 388 15.57 1.93 -0.96
N GLU B 389 16.79 1.99 -0.45
CA GLU B 389 17.96 1.57 -1.23
C GLU B 389 18.74 0.41 -0.59
N ASP B 390 18.29 -0.02 0.60
CA ASP B 390 18.93 -1.13 1.29
C ASP B 390 18.86 -2.42 0.47
N PRO B 391 20.02 -2.96 0.07
CA PRO B 391 20.08 -4.19 -0.75
C PRO B 391 19.38 -5.40 -0.13
N THR B 392 19.54 -5.62 1.17
CA THR B 392 18.87 -6.73 1.87
C THR B 392 17.35 -6.69 1.72
N HIS B 393 16.77 -5.49 1.84
CA HIS B 393 15.34 -5.29 1.68
CA HIS B 393 15.33 -5.36 1.68
C HIS B 393 14.91 -5.52 0.23
N LEU B 394 15.68 -4.90 -0.67
CA LEU B 394 15.40 -4.99 -2.10
C LEU B 394 15.41 -6.47 -2.55
N ARG B 395 16.36 -7.23 -2.04
CA ARG B 395 16.45 -8.67 -2.30
C ARG B 395 15.19 -9.40 -1.79
N ASP B 396 14.90 -9.26 -0.50
CA ASP B 396 13.74 -9.91 0.11
C ASP B 396 12.42 -9.48 -0.55
N ALA B 397 12.35 -8.24 -1.02
CA ALA B 397 11.15 -7.74 -1.71
C ALA B 397 10.99 -8.38 -3.09
N MET B 398 12.10 -8.52 -3.81
CA MET B 398 12.08 -9.17 -5.12
C MET B 398 11.45 -10.56 -4.98
N SER B 399 11.90 -11.30 -3.98
CA SER B 399 11.39 -12.63 -3.68
C SER B 399 9.91 -12.60 -3.35
N ALA B 400 9.53 -11.63 -2.53
CA ALA B 400 8.12 -11.44 -2.15
C ALA B 400 7.21 -11.10 -3.34
N VAL B 401 7.68 -10.25 -4.23
CA VAL B 401 6.93 -9.93 -5.45
C VAL B 401 6.60 -11.20 -6.25
N VAL B 402 7.60 -12.05 -6.42
CA VAL B 402 7.44 -13.28 -7.17
C VAL B 402 6.55 -14.28 -6.44
N GLY B 403 6.81 -14.47 -5.15
CA GLY B 403 6.01 -15.37 -4.34
C GLY B 403 4.55 -14.96 -4.21
N ASP B 404 4.30 -13.67 -4.02
CA ASP B 404 2.94 -13.19 -3.84
C ASP B 404 2.15 -13.24 -5.14
N HIS B 405 2.77 -12.75 -6.21
CA HIS B 405 2.13 -12.72 -7.52
C HIS B 405 1.74 -14.13 -8.00
N ASN B 406 2.63 -15.09 -7.81
CA ASN B 406 2.43 -16.42 -8.39
C ASN B 406 1.81 -17.48 -7.47
N VAL B 407 1.97 -17.33 -6.15
CA VAL B 407 1.44 -18.32 -5.22
C VAL B 407 0.52 -17.77 -4.12
N VAL B 408 1.05 -16.89 -3.26
CA VAL B 408 0.33 -16.49 -2.05
C VAL B 408 -1.02 -15.85 -2.34
N CYS B 409 -1.05 -14.89 -3.26
CA CYS B 409 -2.30 -14.22 -3.55
C CYS B 409 -3.30 -15.05 -4.37
N PRO B 410 -2.81 -15.79 -5.40
CA PRO B 410 -3.70 -16.77 -6.03
C PRO B 410 -4.31 -17.75 -5.03
N VAL B 411 -3.51 -18.21 -4.07
CA VAL B 411 -4.02 -19.08 -3.00
C VAL B 411 -5.07 -18.38 -2.11
N ALA B 412 -4.82 -17.12 -1.75
CA ALA B 412 -5.76 -16.37 -0.91
C ALA B 412 -7.06 -16.13 -1.64
N GLN B 413 -6.96 -15.83 -2.94
CA GLN B 413 -8.15 -15.70 -3.77
C GLN B 413 -8.94 -17.03 -3.84
N LEU B 414 -8.25 -18.13 -4.11
CA LEU B 414 -8.92 -19.44 -4.17
C LEU B 414 -9.63 -19.78 -2.86
N ALA B 415 -8.88 -19.73 -1.76
CA ALA B 415 -9.41 -20.02 -0.44
C ALA B 415 -10.70 -19.24 -0.15
N GLY B 416 -10.70 -17.96 -0.50
CA GLY B 416 -11.84 -17.10 -0.22
C GLY B 416 -13.04 -17.43 -1.10
N ARG B 417 -12.79 -17.67 -2.38
CA ARG B 417 -13.87 -18.03 -3.29
C ARG B 417 -14.50 -19.37 -2.90
N LEU B 418 -13.66 -20.35 -2.59
CA LEU B 418 -14.15 -21.65 -2.14
C LEU B 418 -15.00 -21.53 -0.87
N ALA B 419 -14.46 -20.88 0.16
CA ALA B 419 -15.20 -20.67 1.41
C ALA B 419 -16.55 -20.00 1.18
N ALA B 420 -16.54 -18.93 0.39
CA ALA B 420 -17.76 -18.18 0.10
C ALA B 420 -18.77 -19.01 -0.69
N GLN B 421 -18.27 -19.94 -1.48
CA GLN B 421 -19.12 -20.79 -2.30
C GLN B 421 -19.50 -22.10 -1.59
N GLY B 422 -19.37 -22.13 -0.26
CA GLY B 422 -19.86 -23.26 0.52
C GLY B 422 -18.85 -24.33 0.91
N ALA B 423 -17.65 -24.27 0.34
CA ALA B 423 -16.61 -25.27 0.63
C ALA B 423 -16.09 -25.14 2.06
N ARG B 424 -15.59 -26.25 2.58
CA ARG B 424 -14.92 -26.26 3.87
C ARG B 424 -13.42 -26.15 3.63
N VAL B 425 -12.82 -25.05 4.08
CA VAL B 425 -11.42 -24.75 3.77
C VAL B 425 -10.56 -24.67 5.02
N TYR B 426 -9.38 -25.27 4.97
CA TYR B 426 -8.37 -25.10 6.00
C TYR B 426 -7.13 -24.57 5.32
N ALA B 427 -6.50 -23.56 5.93
CA ALA B 427 -5.35 -22.89 5.32
C ALA B 427 -4.14 -22.90 6.24
N TYR B 428 -2.95 -22.94 5.66
CA TYR B 428 -1.72 -22.94 6.44
C TYR B 428 -0.63 -22.09 5.80
N ILE B 429 0.37 -21.77 6.61
CA ILE B 429 1.65 -21.31 6.12
C ILE B 429 2.75 -22.15 6.79
N PHE B 430 3.68 -22.62 5.97
CA PHE B 430 4.71 -23.52 6.42
C PHE B 430 6.00 -22.72 6.62
N GLU B 431 6.52 -22.69 7.83
CA GLU B 431 7.60 -21.76 8.17
C GLU B 431 8.88 -22.42 8.65
N HIS B 432 8.90 -23.74 8.70
CA HIS B 432 10.13 -24.40 9.13
C HIS B 432 11.13 -24.63 7.99
N ARG B 433 12.36 -24.17 8.19
CA ARG B 433 13.45 -24.39 7.25
C ARG B 433 14.24 -25.62 7.68
N ALA B 434 14.38 -26.59 6.79
CA ALA B 434 15.05 -27.85 7.10
C ALA B 434 16.51 -27.65 7.49
N SER B 435 16.94 -28.36 8.52
CA SER B 435 18.32 -28.30 8.99
C SER B 435 19.27 -28.81 7.91
N THR B 436 18.77 -29.71 7.07
CA THR B 436 19.57 -30.33 6.03
C THR B 436 19.54 -29.57 4.70
N LEU B 437 18.84 -28.44 4.66
CA LEU B 437 18.66 -27.69 3.41
C LEU B 437 19.99 -27.20 2.83
N THR B 438 20.16 -27.40 1.53
CA THR B 438 21.43 -27.11 0.87
C THR B 438 21.48 -25.74 0.18
N TRP B 439 20.33 -25.12 -0.01
CA TRP B 439 20.25 -23.75 -0.52
C TRP B 439 20.72 -22.75 0.55
N PRO B 440 21.18 -21.55 0.13
CA PRO B 440 21.67 -20.55 1.10
C PRO B 440 20.58 -19.98 2.01
N LEU B 441 21.01 -19.36 3.10
CA LEU B 441 20.10 -18.86 4.12
C LEU B 441 19.15 -17.78 3.60
N TRP B 442 19.60 -16.99 2.64
CA TRP B 442 18.79 -15.86 2.18
C TRP B 442 17.50 -16.31 1.47
N MET B 443 17.46 -17.57 1.04
CA MET B 443 16.29 -18.07 0.35
C MET B 443 15.23 -18.55 1.32
N GLY B 444 15.59 -18.63 2.60
CA GLY B 444 14.65 -18.99 3.66
C GLY B 444 14.03 -20.38 3.52
N VAL B 445 12.70 -20.44 3.46
CA VAL B 445 11.98 -21.68 3.22
C VAL B 445 11.43 -21.64 1.80
N PRO B 446 12.15 -22.25 0.83
CA PRO B 446 11.77 -22.10 -0.58
C PRO B 446 10.61 -22.97 -1.01
N HIS B 447 10.00 -22.59 -2.13
CA HIS B 447 9.01 -23.38 -2.86
C HIS B 447 9.43 -24.86 -2.90
N GLY B 448 8.59 -25.76 -2.40
CA GLY B 448 8.87 -27.18 -2.49
C GLY B 448 9.43 -27.84 -1.24
N TYR B 449 9.81 -27.06 -0.24
CA TYR B 449 10.53 -27.67 0.89
C TYR B 449 9.68 -28.06 2.12
N GLU B 450 8.36 -28.04 1.95
CA GLU B 450 7.47 -28.66 2.90
C GLU B 450 7.25 -30.15 2.58
N ILE B 451 7.41 -30.50 1.31
CA ILE B 451 7.09 -31.86 0.83
C ILE B 451 7.78 -32.97 1.61
N GLU B 452 9.08 -32.84 1.84
CA GLU B 452 9.85 -33.88 2.53
C GLU B 452 9.30 -34.17 3.93
N PHE B 453 8.71 -33.15 4.57
CA PHE B 453 8.08 -33.29 5.88
C PHE B 453 6.71 -33.97 5.84
N ILE B 454 5.85 -33.55 4.92
CA ILE B 454 4.57 -34.24 4.70
C ILE B 454 4.75 -35.74 4.43
N PHE B 455 5.74 -36.10 3.62
CA PHE B 455 5.96 -37.52 3.28
C PHE B 455 6.70 -38.30 4.36
N GLY B 456 7.21 -37.60 5.38
CA GLY B 456 7.81 -38.26 6.52
C GLY B 456 9.27 -38.66 6.40
N LEU B 457 9.99 -38.07 5.46
CA LEU B 457 11.42 -38.35 5.27
C LEU B 457 12.33 -38.22 6.53
N PRO B 458 12.04 -37.27 7.44
CA PRO B 458 12.80 -37.22 8.70
C PRO B 458 12.80 -38.52 9.51
N LEU B 459 11.83 -39.39 9.28
CA LEU B 459 11.79 -40.68 9.96
C LEU B 459 12.95 -41.60 9.54
N ASP B 460 13.57 -41.30 8.41
CA ASP B 460 14.73 -42.03 7.94
C ASP B 460 15.99 -41.51 8.63
N PRO B 461 16.52 -42.31 9.57
CA PRO B 461 17.62 -41.90 10.44
C PRO B 461 18.89 -41.60 9.65
N SER B 462 19.03 -42.20 8.46
CA SER B 462 20.19 -41.97 7.62
C SER B 462 20.23 -40.57 6.99
N LEU B 463 19.11 -39.85 7.09
CA LEU B 463 18.99 -38.54 6.45
C LEU B 463 19.43 -37.38 7.35
N ASN B 464 19.69 -37.69 8.63
CA ASN B 464 20.28 -36.74 9.58
C ASN B 464 19.43 -35.53 10.01
N TYR B 465 18.11 -35.63 9.85
CA TYR B 465 17.21 -34.62 10.39
C TYR B 465 17.29 -34.60 11.92
N THR B 466 16.92 -33.50 12.56
CA THR B 466 16.94 -33.42 14.02
C THR B 466 15.77 -34.18 14.62
N THR B 467 15.88 -34.50 15.91
CA THR B 467 14.82 -35.20 16.65
C THR B 467 13.52 -34.39 16.67
N GLU B 468 13.63 -33.08 16.75
CA GLU B 468 12.46 -32.21 16.72
C GLU B 468 11.81 -32.21 15.33
N GLU B 469 12.64 -32.31 14.29
CA GLU B 469 12.13 -32.39 12.91
C GLU B 469 11.38 -33.70 12.67
N ARG B 470 11.84 -34.78 13.31
CA ARG B 470 11.13 -36.05 13.23
C ARG B 470 9.76 -35.93 13.89
N ILE B 471 9.73 -35.32 15.07
CA ILE B 471 8.47 -35.08 15.78
C ILE B 471 7.52 -34.18 14.96
N PHE B 472 8.09 -33.19 14.29
CA PHE B 472 7.35 -32.26 13.44
C PHE B 472 6.78 -32.98 12.22
N ALA B 473 7.59 -33.83 11.58
CA ALA B 473 7.12 -34.58 10.41
C ALA B 473 5.93 -35.45 10.79
N GLN B 474 6.02 -36.09 11.95
CA GLN B 474 4.92 -36.93 12.43
C GLN B 474 3.63 -36.13 12.65
N ARG B 475 3.76 -34.89 13.14
CA ARG B 475 2.61 -34.00 13.30
C ARG B 475 1.93 -33.72 11.97
N LEU B 476 2.73 -33.42 10.95
CA LEU B 476 2.20 -33.04 9.64
C LEU B 476 1.54 -34.22 8.92
N MET B 477 2.16 -35.40 9.05
CA MET B 477 1.59 -36.62 8.49
C MET B 477 0.21 -36.88 9.09
N LYS B 478 0.06 -36.53 10.36
CA LYS B 478 -1.22 -36.77 11.05
C LYS B 478 -2.31 -35.80 10.58
N TYR B 479 -1.95 -34.53 10.39
CA TYR B 479 -2.88 -33.53 9.87
C TYR B 479 -3.38 -33.96 8.49
N TRP B 480 -2.45 -34.29 7.61
CA TRP B 480 -2.77 -34.68 6.24
C TRP B 480 -3.65 -35.92 6.19
N THR B 481 -3.30 -36.95 6.95
CA THR B 481 -4.09 -38.19 6.96
C THR B 481 -5.44 -38.02 7.66
N ASN B 482 -5.46 -37.25 8.76
CA ASN B 482 -6.72 -36.94 9.41
C ASN B 482 -7.65 -36.17 8.49
N PHE B 483 -7.06 -35.28 7.70
CA PHE B 483 -7.84 -34.59 6.69
C PHE B 483 -8.37 -35.60 5.66
N ALA B 484 -7.52 -36.52 5.23
CA ALA B 484 -7.94 -37.55 4.27
C ALA B 484 -9.11 -38.38 4.79
N ARG B 485 -9.00 -38.78 6.05
CA ARG B 485 -10.03 -39.58 6.70
C ARG B 485 -11.36 -38.85 6.87
N THR B 486 -11.29 -37.55 7.16
CA THR B 486 -12.45 -36.84 7.70
C THR B 486 -12.81 -35.51 7.04
N GLY B 487 -11.89 -34.92 6.28
CA GLY B 487 -12.11 -33.57 5.76
C GLY B 487 -11.76 -32.52 6.81
N ASP B 488 -11.20 -32.99 7.93
CA ASP B 488 -10.81 -32.13 9.05
C ASP B 488 -9.45 -32.61 9.56
N PRO B 489 -8.42 -31.74 9.46
CA PRO B 489 -7.05 -32.06 9.89
C PRO B 489 -6.88 -32.22 11.40
N ASN B 490 -7.89 -31.87 12.18
CA ASN B 490 -7.77 -31.92 13.63
C ASN B 490 -7.88 -33.34 14.20
N ASP B 491 -6.93 -33.69 15.05
CA ASP B 491 -6.92 -34.95 15.79
C ASP B 491 -8.19 -35.09 16.63
N PRO B 492 -8.99 -36.15 16.38
CA PRO B 492 -10.26 -36.36 17.10
C PRO B 492 -10.04 -36.99 18.47
N ARG B 493 -8.76 -37.27 18.77
CA ARG B 493 -8.36 -37.79 20.07
C ARG B 493 -7.79 -36.68 20.95
N ASP B 494 -6.81 -35.95 20.40
CA ASP B 494 -6.19 -34.84 21.09
C ASP B 494 -7.21 -33.77 21.49
N SER B 495 -7.32 -33.53 22.78
CA SER B 495 -8.28 -32.57 23.34
C SER B 495 -7.57 -31.35 23.91
N LYS B 496 -6.28 -31.24 23.63
CA LYS B 496 -5.45 -30.10 24.01
C LYS B 496 -4.56 -29.79 22.81
N SER B 497 -4.96 -28.82 21.99
CA SER B 497 -4.34 -28.66 20.67
C SER B 497 -3.35 -27.46 20.47
N PRO B 498 -3.84 -26.21 20.24
CA PRO B 498 -5.14 -25.57 19.97
C PRO B 498 -5.66 -25.92 18.57
N GLN B 499 -6.97 -25.79 18.34
CA GLN B 499 -7.56 -26.33 17.12
C GLN B 499 -7.21 -25.53 15.86
N TRP B 500 -7.19 -26.22 14.72
CA TRP B 500 -7.03 -25.59 13.42
C TRP B 500 -8.42 -25.20 12.92
N PRO B 501 -8.71 -23.88 12.89
CA PRO B 501 -10.07 -23.48 12.52
C PRO B 501 -10.24 -23.38 11.01
N PRO B 502 -11.50 -23.51 10.54
CA PRO B 502 -11.74 -23.37 9.09
C PRO B 502 -11.46 -21.95 8.61
N TYR B 503 -10.82 -21.80 7.45
CA TYR B 503 -10.69 -20.48 6.83
C TYR B 503 -12.06 -19.99 6.37
N THR B 504 -12.41 -18.76 6.73
CA THR B 504 -13.65 -18.14 6.29
C THR B 504 -13.37 -16.76 5.70
N THR B 505 -14.32 -16.24 4.92
CA THR B 505 -14.19 -14.90 4.37
C THR B 505 -14.23 -13.82 5.45
N ALA B 506 -15.03 -14.06 6.49
CA ALA B 506 -15.12 -13.12 7.61
C ALA B 506 -13.83 -13.06 8.42
N ALA B 507 -13.50 -14.15 9.11
CA ALA B 507 -12.35 -14.17 10.01
C ALA B 507 -10.99 -14.43 9.33
N GLN B 508 -11.00 -15.11 8.20
CA GLN B 508 -9.76 -15.35 7.44
C GLN B 508 -8.65 -16.01 8.26
N GLN B 509 -9.03 -16.97 9.10
CA GLN B 509 -8.07 -17.66 9.96
C GLN B 509 -7.25 -18.74 9.24
N TYR B 510 -5.96 -18.80 9.59
CA TYR B 510 -5.05 -19.81 9.06
C TYR B 510 -4.00 -20.11 10.13
N VAL B 511 -3.26 -21.21 9.98
CA VAL B 511 -2.30 -21.58 11.02
C VAL B 511 -0.88 -21.62 10.49
N SER B 512 0.09 -21.38 11.38
CA SER B 512 1.48 -21.55 11.03
C SER B 512 1.92 -22.97 11.39
N LEU B 513 2.59 -23.65 10.46
CA LEU B 513 3.18 -24.95 10.71
C LEU B 513 4.69 -24.80 10.92
N ASN B 514 5.15 -25.10 12.12
CA ASN B 514 6.57 -25.03 12.45
C ASN B 514 6.83 -25.83 13.72
N LEU B 515 8.00 -25.68 14.35
CA LEU B 515 8.32 -26.54 15.49
C LEU B 515 7.49 -26.24 16.75
N LYS B 516 6.95 -25.03 16.82
CA LYS B 516 6.10 -24.63 17.94
C LYS B 516 4.68 -25.11 17.64
N PRO B 517 3.83 -25.20 18.68
CA PRO B 517 2.44 -25.63 18.46
C PRO B 517 1.68 -24.68 17.54
N LEU B 518 0.61 -25.15 16.92
CA LEU B 518 -0.21 -24.31 16.03
C LEU B 518 -0.52 -22.94 16.63
N GLU B 519 -0.34 -21.92 15.81
CA GLU B 519 -0.76 -20.58 16.18
C GLU B 519 -1.77 -20.16 15.12
N VAL B 520 -2.86 -19.53 15.55
CA VAL B 520 -3.89 -19.06 14.63
C VAL B 520 -3.64 -17.61 14.20
N ARG B 521 -3.58 -17.36 12.91
CA ARG B 521 -3.39 -15.99 12.40
C ARG B 521 -4.58 -15.61 11.56
N ARG B 522 -4.73 -14.31 11.31
CA ARG B 522 -5.86 -13.82 10.52
C ARG B 522 -5.37 -12.95 9.39
N GLY B 523 -5.87 -13.23 8.19
CA GLY B 523 -5.52 -12.43 7.02
C GLY B 523 -4.23 -12.92 6.41
N LEU B 524 -4.34 -13.47 5.21
CA LEU B 524 -3.20 -14.00 4.49
C LEU B 524 -2.68 -12.96 3.51
N ARG B 525 -1.67 -12.20 3.92
CA ARG B 525 -1.18 -11.03 3.15
C ARG B 525 -2.34 -10.19 2.68
N ALA B 526 -3.25 -9.87 3.59
CA ALA B 526 -4.53 -9.29 3.20
C ALA B 526 -4.42 -8.00 2.39
N GLN B 527 -3.65 -7.04 2.91
CA GLN B 527 -3.46 -5.75 2.23
C GLN B 527 -2.75 -5.90 0.91
N THR B 528 -1.63 -6.62 0.92
CA THR B 528 -0.86 -6.86 -0.30
C THR B 528 -1.65 -7.68 -1.35
N CYS B 529 -2.44 -8.66 -0.91
CA CYS B 529 -3.20 -9.45 -1.87
C CYS B 529 -4.40 -8.69 -2.42
N ALA B 530 -4.86 -7.71 -1.65
CA ALA B 530 -5.89 -6.80 -2.17
C ALA B 530 -5.35 -6.01 -3.36
N PHE B 531 -4.08 -5.62 -3.27
CA PHE B 531 -3.40 -4.96 -4.38
C PHE B 531 -3.33 -5.87 -5.61
N TRP B 532 -2.86 -7.10 -5.42
CA TRP B 532 -2.78 -8.04 -6.54
C TRP B 532 -4.14 -8.45 -7.08
N ASN B 533 -5.07 -8.79 -6.19
CA ASN B 533 -6.31 -9.44 -6.60
C ASN B 533 -7.44 -8.46 -6.96
N ARG B 534 -7.33 -7.24 -6.46
CA ARG B 534 -8.39 -6.26 -6.67
C ARG B 534 -7.98 -5.06 -7.52
N PHE B 535 -6.83 -4.48 -7.22
CA PHE B 535 -6.40 -3.28 -7.94
C PHE B 535 -5.71 -3.52 -9.29
N LEU B 536 -4.63 -4.30 -9.29
CA LEU B 536 -3.90 -4.55 -10.54
C LEU B 536 -4.74 -4.94 -11.78
N PRO B 537 -5.77 -5.81 -11.61
CA PRO B 537 -6.59 -6.10 -12.80
C PRO B 537 -7.28 -4.87 -13.39
N LYS B 538 -7.78 -3.97 -12.54
CA LYS B 538 -8.39 -2.73 -13.04
C LYS B 538 -7.38 -1.90 -13.78
N LEU B 539 -6.12 -1.99 -13.35
CA LEU B 539 -5.05 -1.20 -13.93
C LEU B 539 -4.70 -1.69 -15.33
N LEU B 540 -4.55 -3.01 -15.47
CA LEU B 540 -4.26 -3.60 -16.77
C LEU B 540 -5.47 -3.48 -17.71
N SER B 541 -6.68 -3.56 -17.17
CA SER B 541 -7.90 -3.33 -17.96
C SER B 541 -7.99 -1.89 -18.48
N ALA B 542 -6.91 -1.12 -18.31
CA ALA B 542 -6.81 0.25 -18.77
C ALA B 542 -5.37 0.71 -18.61
N1 B3V C . -11.24 27.16 8.17
O1 B3V C . -9.82 25.08 8.22
S1 B3V C . -10.68 25.82 7.38
C2 B3V C . -14.19 25.12 3.52
N2 B3V C . -9.66 26.94 10.74
O2 B3V C . -10.17 26.32 6.15
C5 B3V C . -14.39 23.34 6.56
C6 B3V C . -14.05 24.39 5.75
C7 B3V C . -12.92 25.20 5.96
C11 B3V C . -11.03 27.59 10.69
C8 B3V C . -12.06 24.90 7.06
C9 B3V C . -12.43 23.82 7.88
C10 B3V C . -13.57 23.05 7.65
C13 B3V C . -11.85 26.96 9.53
C16 B3V C . -7.72 28.49 10.18
C17 B3V C . -8.61 27.92 11.28
O06 B3V C . -14.87 24.72 4.67
C19 B3V C . -9.70 25.77 11.62
C20 B3V C . -8.30 25.21 11.75
C1 EDO D . -0.05 44.94 -15.65
O1 EDO D . 0.43 46.21 -15.27
C2 EDO D . -0.67 45.14 -17.06
O2 EDO D . -0.46 43.93 -17.72
C1 EDO E . -6.18 61.22 14.46
O1 EDO E . -6.01 61.54 15.80
C2 EDO E . -4.81 60.70 14.01
O2 EDO E . -5.07 59.87 12.91
C1 NAG F . -24.91 11.49 12.57
C2 NAG F . -25.64 10.28 11.95
C3 NAG F . -25.83 10.44 10.44
C4 NAG F . -26.45 11.79 10.09
C5 NAG F . -25.73 12.94 10.77
C6 NAG F . -26.46 14.28 10.56
C7 NAG F . -25.21 8.31 13.35
C8 NAG F . -24.15 7.35 13.82
N2 NAG F . -24.92 9.05 12.26
O3 NAG F . -26.65 9.41 9.93
O4 NAG F . -26.40 11.98 8.68
O5 NAG F . -25.53 12.71 12.17
O6 NAG F . -27.68 14.36 11.28
O7 NAG F . -26.28 8.40 13.95
C1 PEG G . -5.48 -0.69 7.80
O1 PEG G . -4.44 -1.65 7.86
C2 PEG G . -5.52 -0.30 6.30
O2 PEG G . -4.33 0.41 5.96
C3 PEG G . -4.50 1.82 6.06
C4 PEG G . -3.22 2.52 5.53
O4 PEG G . -3.28 3.81 6.16
C1 PEG H . 5.26 29.17 -16.81
O1 PEG H . 6.52 28.56 -16.53
C2 PEG H . 4.69 29.44 -15.40
O2 PEG H . 3.33 29.87 -15.52
C3 PEG H . 3.22 31.08 -16.24
C4 PEG H . 1.75 31.50 -16.19
O4 PEG H . 1.65 32.41 -17.26
C1 NAG I . -13.70 27.72 33.98
C2 NAG I . -14.63 28.06 32.80
C3 NAG I . -15.76 29.00 33.22
C4 NAG I . -16.46 28.49 34.48
C5 NAG I . -15.45 28.18 35.58
C6 NAG I . -16.18 27.57 36.77
C7 NAG I . -14.33 28.57 30.43
C8 NAG I . -13.57 29.34 29.39
N2 NAG I . -13.88 28.62 31.69
O3 NAG I . -16.71 29.11 32.20
O4 NAG I . -17.38 29.46 34.93
O5 NAG I . -14.45 27.28 35.10
O6 NAG I . -17.36 28.32 37.02
O7 NAG I . -15.32 27.91 30.11
C1 EDO J . 1.18 55.24 34.02
O1 EDO J . 2.52 54.84 33.92
C2 EDO J . 1.08 56.55 33.20
O2 EDO J . -0.18 57.10 33.50
C1 EDO K . -8.78 48.88 24.72
O1 EDO K . -9.81 49.82 24.72
C2 EDO K . -9.47 47.50 24.85
O2 EDO K . -8.50 46.56 24.47
C1 EDO L . 13.94 36.93 23.20
O1 EDO L . 13.63 36.69 21.85
C2 EDO L . 15.48 36.80 23.35
O2 EDO L . 15.71 36.27 24.62
N1 B3V M . 19.55 32.09 0.72
O1 B3V M . 19.20 29.73 1.19
S1 B3V M . 18.70 31.00 1.63
C2 B3V M . 14.70 33.78 3.13
O2 B3V M . 18.80 31.36 2.99
C5 B3V M . 14.37 31.37 0.45
C6 B3V M . 14.87 32.03 1.53
C7 B3V M . 16.21 31.93 1.94
C11 B3V M . 14.03 32.83 2.33
C8 B3V M . 17.09 31.13 1.18
C9 B3V M . 16.56 30.47 0.07
C10 B3V M . 15.24 30.57 -0.30
S SO4 N . -4.91 37.19 30.41
O1 SO4 N . -5.47 36.72 29.14
O2 SO4 N . -4.84 36.12 31.39
O3 SO4 N . -3.55 37.67 30.17
O4 SO4 N . -5.75 38.27 30.94
C1 EDO O . -9.40 8.81 17.01
O1 EDO O . -10.06 8.43 18.17
C2 EDO O . -8.35 7.70 16.76
O2 EDO O . -7.99 7.80 15.41
O1 PE8 P . 1.56 -4.00 5.45
C2 PE8 P . 0.94 -3.71 4.22
C3 PE8 P . 2.11 -3.44 3.24
O4 PE8 P . 1.57 -2.60 2.24
C5 PE8 P . 2.53 -1.77 1.59
C6 PE8 P . 1.66 -0.69 0.90
O7 PE8 P . 2.52 0.21 0.26
C8 PE8 P . 1.89 1.41 -0.17
C9 PE8 P . 2.88 2.11 -1.13
O10 PE8 P . 2.12 2.67 -2.16
C11 PE8 P . 2.45 2.33 -3.49
C12 PE8 P . 1.18 2.59 -4.35
O13 PE8 P . 1.16 1.68 -5.42
C14 PE8 P . -0.09 1.48 -6.09
C15 PE8 P . -1.18 1.33 -5.04
O16 PE8 P . -2.41 1.21 -5.71
C17 PE8 P . -3.56 0.89 -4.91
C18 PE8 P . -3.26 -0.41 -4.12
O19 PE8 P . -4.42 -0.74 -3.36
C20 PE8 P . -4.25 -1.82 -2.41
C21 PE8 P . -2.87 -1.62 -1.70
O22 PE8 P . -3.09 -1.78 -0.29
C23 PE8 P . -2.00 -1.27 0.49
C24 PE8 P . -2.59 -0.93 1.90
O25 PE8 P . -1.47 -0.56 2.67
C1 EDO Q . -6.32 -44.62 7.58
O1 EDO Q . -5.74 -45.20 8.71
C2 EDO Q . -5.13 -44.09 6.75
O2 EDO Q . -5.60 -42.97 6.06
N1 B3V R . 10.34 -26.75 -10.82
O1 B3V R . 9.73 -24.96 -9.15
S1 B3V R . 9.76 -25.20 -10.54
C2 B3V R . 12.49 -22.57 -15.35
N2 B3V R . 10.26 -27.55 -7.98
O2 B3V R . 8.53 -25.13 -11.25
C5 B3V R . 12.74 -22.35 -12.47
C6 B3V R . 11.65 -22.84 -13.16
C7 B3V R . 10.70 -23.72 -12.58
C11 B3V R . 11.23 -28.23 -8.91
C8 B3V R . 10.87 -24.14 -11.25
C9 B3V R . 11.98 -23.65 -10.57
C10 B3V R . 12.90 -22.77 -11.14
C13 B3V R . 11.55 -27.20 -10.04
C16 B3V R . 11.09 -25.93 -6.32
C17 B3V R . 10.80 -27.42 -6.59
O06 B3V R . 11.38 -22.47 -14.48
C19 B3V R . 8.89 -28.18 -7.96
C20 B3V R . 8.96 -29.69 -8.11
C1 EDO S . 13.86 7.45 -6.19
O1 EDO S . 13.15 6.32 -6.66
C2 EDO S . 15.13 6.87 -5.50
O2 EDO S . 14.72 6.46 -4.23
C1 NAG T . 26.45 -13.02 -6.79
C2 NAG T . 26.95 -11.59 -7.02
C3 NAG T . 26.45 -11.10 -8.38
C4 NAG T . 26.92 -12.04 -9.48
C5 NAG T . 26.54 -13.48 -9.19
C6 NAG T . 27.20 -14.43 -10.21
C7 NAG T . 27.43 -10.25 -5.01
C8 NAG T . 26.97 -10.19 -3.58
N2 NAG T . 26.56 -10.70 -5.92
O3 NAG T . 26.90 -9.79 -8.64
O4 NAG T . 26.38 -11.64 -10.73
O5 NAG T . 26.87 -13.87 -7.86
O6 NAG T . 27.90 -15.49 -9.59
O7 NAG T . 28.57 -9.88 -5.30
C1 PEG U . -11.30 -57.32 -10.15
O1 PEG U . -10.75 -58.22 -11.10
C2 PEG U . -10.13 -56.35 -9.83
O2 PEG U . -10.66 -55.21 -9.16
C3 PEG U . -10.89 -55.46 -7.77
C4 PEG U . -12.11 -54.62 -7.30
O4 PEG U . -12.40 -55.14 -6.00
C1 EDO V . 14.62 -14.65 5.32
O1 EDO V . 14.23 -14.01 4.15
C2 EDO V . 16.16 -14.53 5.35
O2 EDO V . 16.55 -14.88 6.65
N1 B3V W . -20.57 -30.68 -4.74
O1 B3V W . -19.13 -32.33 -3.50
S1 B3V W . -19.14 -31.01 -3.98
C2 B3V W . -15.36 -33.96 -5.88
N2 B3V W . -23.31 -31.19 -5.59
O2 B3V W . -19.07 -29.92 -3.05
C5 B3V W . -15.80 -30.56 -6.99
C6 B3V W . -15.88 -31.67 -6.18
C7 B3V W . -16.91 -31.85 -5.23
C11 B3V W . -22.20 -30.84 -6.56
C8 B3V W . -17.90 -30.85 -5.10
C9 B3V W . -17.78 -29.72 -5.93
C10 B3V W . -16.77 -29.57 -6.87
C13 B3V W . -20.92 -31.41 -5.97
C16 B3V W . -24.23 -30.48 -3.39
C17 B3V W . -23.73 -30.00 -4.75
O06 B3V W . -14.92 -32.68 -6.28
C19 B3V W . -24.49 -31.77 -6.31
C20 B3V W . -25.28 -30.66 -7.01
S SO4 X . 14.34 -46.00 4.88
O1 SO4 X . 14.56 -44.77 4.13
O2 SO4 X . 15.30 -47.01 4.43
O3 SO4 X . 14.49 -45.78 6.30
O4 SO4 X . 12.97 -46.45 4.63
C1 EDO Y . -13.11 -21.01 -24.54
O1 EDO Y . -14.18 -20.71 -23.67
C2 EDO Y . -13.76 -21.81 -25.71
O2 EDO Y . -12.73 -22.03 -26.63
O1 PG4 Z . 5.00 -3.28 8.00
C1 PG4 Z . 6.24 -2.73 7.65
C2 PG4 Z . 6.07 -2.42 6.14
O2 PG4 Z . 7.29 -1.81 5.74
C3 PG4 Z . 7.73 -2.24 4.46
C4 PG4 Z . 6.59 -1.85 3.50
O3 PG4 Z . 6.75 -2.72 2.43
C5 PG4 Z . 5.66 -3.60 2.26
C6 PG4 Z . 6.04 -4.44 1.03
O4 PG4 Z . 6.39 -5.71 1.55
C7 PG4 Z . 7.71 -6.11 1.23
C8 PG4 Z . 7.78 -7.56 1.76
O5 PG4 Z . 9.15 -7.82 1.90
C1 EDO AA . -17.12 -37.97 5.69
O1 EDO AA . -16.09 -38.63 6.36
C2 EDO AA . -16.56 -36.59 5.29
O2 EDO AA . -17.62 -35.68 5.41
C1 EDO BA . -11.65 -11.42 -4.81
O1 EDO BA . -10.46 -12.14 -4.91
C2 EDO BA . -11.84 -10.69 -6.15
O2 EDO BA . -13.00 -9.94 -6.02
#